data_6IMJ
#
_entry.id   6IMJ
#
_cell.length_a   94.828
_cell.length_b   63.099
_cell.length_c   119.265
_cell.angle_alpha   90.00
_cell.angle_beta   89.93
_cell.angle_gamma   90.00
#
_symmetry.space_group_name_H-M   'P 1 21 1'
#
loop_
_entity.id
_entity.type
_entity.pdbx_description
1 polymer 'DNA ligase'
2 polymer "DNA (5'-D(*TP*C*CP*GP*GP*GP*AP*TP*GP*CP*TP*GP*GP*TP*CP*GP*GP*AP*CP*TP*GP*G)-3')"
3 polymer "DNA (5'-D(*C*CP*AP*GP*TP*CP*CP*GP*AP*CP*CP*CP*GP*CP*AP*TP*CP*CP*CP*GP*GP*A)-3')"
4 non-polymer "ADENOSINE-5'-TRIPHOSPHATE"
5 non-polymer 'CADMIUM ION'
6 non-polymer 'CHLORIDE ION'
7 water water
#
loop_
_entity_poly.entity_id
_entity_poly.type
_entity_poly.pdbx_seq_one_letter_code
_entity_poly.pdbx_strand_id
1 'polypeptide(L)'
;(MSE)LNQFPGQYSNNIFCFPPIESETKSGKKASWIICVQVVQHNTIIPITDE(MSE)FSTDVKDAVAEIFTKFFVEEGA
VRISK(MSE)TRVTEGKNLGKKNATTVVHQAFKDALSKYNRHARQKRGAHTNRG(MSE)IPP(MSE)LVKYFNIIPKTFF
EEETDPIVQRKRNGVRAVACQQGDGCILLYSRTEKEFLGLDNIKKELKQLYLFIDVRVYLDGELYLHRKPLQWIAGQANA
KTDSSELHFYVFDCFWSDQLQ(MSE)PSNKRQQLLTNIFKQKEDLTFIHQVENFSVKNVDEALRLKAQFIKEGYEGAIVR
NANGPYEPGYNNYHSAHLAKLKPLLDAEFILVDYTQGKKGKDLGAILWVCELPNKKRFVVTPKHLTYADRYALFQKLTPA
LFKKHLYGKELTVEYAELSPKTGIPLQARAVGFREPINVLEII
;
A,B
2 'polydeoxyribonucleotide'
;(DT)(DC)(DC)(DG)(DG)(DG)(DA)(DT)(DG)(DC)(DT)(DG)(DG)(DT)(DC)(DG)(DG)(DA)(DC)(DT)
(DG)(DG)
;
C
3 'polydeoxyribonucleotide'
;(DC)(DC)(DA)(DG)(DT)(DC)(DC)(DG)(DA)(DC)(DC)(DC)(DG)(DC)(DA)(DT)(DC)(DC)(DC)(DG)
(DG)(DA)
;
D
#
# COMPACT_ATOMS: atom_id res chain seq x y z
N LEU A 2 33.97 10.02 -9.74
CA LEU A 2 34.42 8.87 -8.96
C LEU A 2 33.52 8.66 -7.74
N ASN A 3 33.29 9.73 -6.98
CA ASN A 3 32.57 9.68 -5.71
C ASN A 3 31.08 9.38 -5.90
N GLN A 4 30.67 9.09 -7.14
CA GLN A 4 29.33 8.57 -7.39
C GLN A 4 29.19 7.11 -6.97
N PHE A 5 30.30 6.39 -6.72
CA PHE A 5 30.32 5.00 -6.30
C PHE A 5 30.63 4.88 -4.81
N PRO A 6 29.94 3.98 -4.11
CA PRO A 6 30.18 3.84 -2.67
C PRO A 6 31.51 3.17 -2.41
N GLY A 7 32.24 3.70 -1.44
CA GLY A 7 33.55 3.21 -1.08
C GLY A 7 34.53 4.34 -0.91
N GLN A 8 35.74 3.98 -0.53
CA GLN A 8 36.81 4.92 -0.23
C GLN A 8 37.94 4.78 -1.25
N TYR A 9 38.56 5.91 -1.58
CA TYR A 9 39.66 5.97 -2.52
C TYR A 9 40.95 6.25 -1.74
N SER A 10 42.00 5.47 -2.00
CA SER A 10 43.25 5.60 -1.27
C SER A 10 44.35 4.79 -1.96
N ASN A 11 45.53 5.39 -2.05
CA ASN A 11 46.67 4.84 -2.81
C ASN A 11 46.23 4.37 -4.20
N ASN A 12 45.49 5.25 -4.88
CA ASN A 12 45.08 5.05 -6.27
C ASN A 12 44.17 3.85 -6.47
N ILE A 13 43.81 3.13 -5.41
CA ILE A 13 42.92 1.98 -5.50
C ILE A 13 41.62 2.32 -4.80
N PHE A 14 40.50 2.13 -5.50
CA PHE A 14 39.17 2.38 -4.96
C PHE A 14 38.57 1.06 -4.48
N CYS A 15 38.11 1.04 -3.25
CA CYS A 15 37.53 -0.17 -2.68
C CYS A 15 36.10 0.12 -2.22
N PHE A 16 35.19 -0.78 -2.57
CA PHE A 16 33.80 -0.64 -2.16
C PHE A 16 33.68 -0.98 -0.68
N PRO A 17 32.58 -0.62 -0.04
CA PRO A 17 32.46 -0.86 1.41
C PRO A 17 32.53 -2.34 1.73
N PRO A 18 33.25 -2.70 2.78
CA PRO A 18 33.32 -4.12 3.19
C PRO A 18 31.94 -4.65 3.57
N ILE A 19 31.63 -5.84 3.08
CA ILE A 19 30.41 -6.53 3.43
C ILE A 19 30.76 -7.63 4.43
N GLU A 20 30.23 -7.50 5.64
CA GLU A 20 30.56 -8.42 6.72
C GLU A 20 29.51 -9.51 6.82
N SER A 21 29.91 -10.62 7.41
CA SER A 21 29.03 -11.77 7.54
C SER A 21 29.59 -12.67 8.63
N GLU A 22 28.76 -13.62 9.06
CA GLU A 22 29.15 -14.61 10.05
C GLU A 22 29.40 -15.96 9.38
N THR A 23 30.31 -16.73 9.97
CA THR A 23 30.54 -18.09 9.54
C THR A 23 29.94 -19.07 10.55
N LYS A 24 30.01 -20.36 10.21
CA LYS A 24 29.48 -21.38 11.10
C LYS A 24 30.15 -21.31 12.47
N SER A 25 31.45 -21.05 12.49
CA SER A 25 32.20 -20.90 13.74
C SER A 25 31.81 -19.66 14.52
N GLY A 26 31.03 -18.76 13.94
CA GLY A 26 30.63 -17.55 14.62
C GLY A 26 31.59 -16.39 14.50
N LYS A 27 32.66 -16.55 13.71
CA LYS A 27 33.63 -15.48 13.55
C LYS A 27 33.16 -14.50 12.47
N LYS A 28 33.70 -13.29 12.55
CA LYS A 28 33.33 -12.26 11.58
C LYS A 28 34.15 -12.43 10.31
N ALA A 29 33.49 -12.37 9.16
CA ALA A 29 34.15 -12.40 7.86
C ALA A 29 33.91 -11.07 7.16
N SER A 30 34.88 -10.65 6.36
CA SER A 30 34.74 -9.44 5.58
C SER A 30 35.14 -9.74 4.14
N TRP A 31 34.39 -9.18 3.21
CA TRP A 31 34.59 -9.35 1.78
C TRP A 31 34.59 -7.97 1.16
N ILE A 32 35.61 -7.68 0.34
CA ILE A 32 35.83 -6.36 -0.24
C ILE A 32 36.13 -6.55 -1.72
N ILE A 33 35.58 -5.68 -2.56
CA ILE A 33 35.93 -5.63 -3.98
C ILE A 33 36.58 -4.29 -4.27
N CYS A 34 37.63 -4.29 -5.10
CA CYS A 34 38.44 -3.10 -5.33
C CYS A 34 38.71 -2.93 -6.82
N VAL A 35 38.89 -1.68 -7.23
CA VAL A 35 39.17 -1.34 -8.63
C VAL A 35 40.44 -0.52 -8.69
N GLN A 36 41.29 -0.84 -9.66
CA GLN A 36 42.52 -0.12 -9.88
C GLN A 36 42.78 -0.02 -11.38
N VAL A 37 43.55 1.00 -11.76
CA VAL A 37 43.87 1.27 -13.15
C VAL A 37 45.38 1.17 -13.30
N VAL A 38 45.84 0.30 -14.19
CA VAL A 38 47.25 0.02 -14.35
C VAL A 38 47.68 0.49 -15.74
N GLN A 39 48.75 1.26 -15.79
CA GLN A 39 49.34 1.64 -17.08
C GLN A 39 50.84 1.46 -16.95
N HIS A 40 51.42 0.70 -17.88
CA HIS A 40 52.85 0.42 -17.92
C HIS A 40 53.32 -0.15 -16.57
N ASN A 41 52.59 -1.17 -16.10
CA ASN A 41 52.92 -1.88 -14.86
C ASN A 41 53.00 -0.94 -13.67
N THR A 42 52.11 0.06 -13.63
CA THR A 42 52.08 1.03 -12.54
C THR A 42 50.64 1.38 -12.19
N ILE A 43 50.29 1.32 -10.91
CA ILE A 43 48.99 1.81 -10.48
C ILE A 43 48.99 3.32 -10.61
N ILE A 44 48.20 3.86 -11.53
CA ILE A 44 48.14 5.30 -11.72
C ILE A 44 46.90 5.85 -11.00
N PRO A 45 46.90 7.11 -10.58
CA PRO A 45 45.71 7.64 -9.89
C PRO A 45 44.53 7.76 -10.84
N ILE A 46 43.34 7.50 -10.29
CA ILE A 46 42.10 7.53 -11.05
C ILE A 46 41.60 8.97 -11.11
N THR A 47 41.25 9.42 -12.32
CA THR A 47 40.80 10.79 -12.55
C THR A 47 39.40 10.79 -13.15
N ASP A 48 38.70 11.91 -12.95
CA ASP A 48 37.37 12.04 -13.53
C ASP A 48 37.43 12.06 -15.05
N GLU A 49 38.58 12.47 -15.62
CA GLU A 49 38.72 12.51 -17.06
C GLU A 49 38.73 11.11 -17.68
N PHE A 51 36.79 8.84 -17.18
CA PHE A 51 35.42 8.39 -17.35
C PHE A 51 34.79 8.88 -18.64
N SER A 52 35.43 9.83 -19.33
CA SER A 52 34.98 10.30 -20.63
C SER A 52 35.89 9.87 -21.75
N THR A 53 37.20 9.85 -21.52
CA THR A 53 38.17 9.44 -22.53
C THR A 53 39.12 8.44 -21.90
N ASP A 54 39.41 7.37 -22.65
CA ASP A 54 40.36 6.36 -22.22
C ASP A 54 41.78 6.95 -22.20
N VAL A 55 42.65 6.29 -21.45
CA VAL A 55 44.08 6.57 -21.42
C VAL A 55 44.78 5.44 -22.15
N LYS A 56 45.80 5.78 -22.95
CA LYS A 56 46.41 4.79 -23.82
C LYS A 56 47.07 3.68 -23.01
N ASP A 57 46.71 2.44 -23.34
CA ASP A 57 47.30 1.23 -22.74
C ASP A 57 47.14 1.19 -21.23
N ALA A 58 46.13 1.86 -20.69
CA ALA A 58 45.75 1.70 -19.30
C ALA A 58 44.71 0.59 -19.23
N VAL A 59 44.87 -0.30 -18.26
CA VAL A 59 43.96 -1.42 -18.07
C VAL A 59 43.40 -1.36 -16.66
N ALA A 60 42.08 -1.57 -16.54
CA ALA A 60 41.43 -1.62 -15.25
C ALA A 60 41.39 -3.05 -14.74
N GLU A 61 41.71 -3.22 -13.45
CA GLU A 61 41.75 -4.54 -12.83
C GLU A 61 40.83 -4.55 -11.62
N ILE A 62 39.99 -5.58 -11.55
CA ILE A 62 39.06 -5.78 -10.44
C ILE A 62 39.48 -7.03 -9.69
N PHE A 63 39.47 -6.95 -8.36
CA PHE A 63 39.79 -8.11 -7.54
C PHE A 63 39.04 -8.00 -6.22
N THR A 64 38.82 -9.15 -5.59
CA THR A 64 38.19 -9.19 -4.29
C THR A 64 39.17 -9.63 -3.22
N LYS A 65 38.89 -9.20 -1.98
CA LYS A 65 39.66 -9.56 -0.80
C LYS A 65 38.72 -10.13 0.25
N PHE A 66 39.12 -11.23 0.88
CA PHE A 66 38.25 -11.93 1.81
C PHE A 66 39.08 -12.42 2.99
N PHE A 67 38.58 -12.20 4.20
CA PHE A 67 39.30 -12.61 5.40
C PHE A 67 38.33 -12.77 6.55
N VAL A 68 38.57 -13.80 7.36
CA VAL A 68 37.82 -14.05 8.59
C VAL A 68 38.40 -13.20 9.70
N GLU A 69 37.76 -13.19 10.87
CA GLU A 69 38.16 -12.37 12.01
C GLU A 69 39.63 -12.56 12.38
N GLU A 70 40.45 -11.53 12.11
CA GLU A 70 41.86 -11.51 12.47
C GLU A 70 42.66 -12.65 11.83
N GLY A 71 42.28 -13.02 10.60
CA GLY A 71 42.99 -14.05 9.85
C GLY A 71 43.63 -13.48 8.60
N ALA A 72 44.46 -14.32 7.98
CA ALA A 72 45.19 -13.91 6.79
C ALA A 72 44.23 -13.64 5.64
N VAL A 73 44.63 -12.71 4.78
CA VAL A 73 43.79 -12.25 3.68
C VAL A 73 43.94 -13.18 2.49
N ARG A 74 42.84 -13.42 1.79
CA ARG A 74 42.81 -14.19 0.57
C ARG A 74 42.45 -13.28 -0.59
N ILE A 75 43.18 -13.41 -1.69
CA ILE A 75 43.01 -12.57 -2.86
C ILE A 75 42.46 -13.42 -4.01
N SER A 76 41.65 -12.78 -4.83
CA SER A 76 41.11 -13.41 -6.02
C SER A 76 42.05 -13.21 -7.20
N LYS A 77 41.72 -13.84 -8.33
CA LYS A 77 42.40 -13.50 -9.57
C LYS A 77 41.91 -12.13 -10.05
N THR A 79 40.41 -9.64 -12.51
CA THR A 79 39.58 -9.54 -13.71
C THR A 79 39.99 -8.28 -14.46
N ARG A 80 40.51 -8.46 -15.67
CA ARG A 80 41.04 -7.35 -16.46
C ARG A 80 39.97 -6.76 -17.36
N VAL A 81 39.75 -5.46 -17.24
CA VAL A 81 38.86 -4.73 -18.13
C VAL A 81 39.74 -3.99 -19.12
N THR A 82 39.67 -4.36 -20.39
CA THR A 82 40.49 -3.76 -21.43
C THR A 82 39.68 -2.95 -22.44
N GLU A 83 38.38 -2.79 -22.22
CA GLU A 83 37.50 -2.31 -23.27
C GLU A 83 36.17 -1.91 -22.67
N GLY A 84 35.64 -0.77 -23.10
CA GLY A 84 34.29 -0.39 -22.75
C GLY A 84 33.26 -1.22 -23.50
N LYS A 85 31.99 -0.93 -23.24
CA LYS A 85 30.89 -1.62 -23.88
C LYS A 85 30.05 -0.62 -24.68
N ASN A 86 29.13 -1.16 -25.49
CA ASN A 86 28.34 -0.38 -26.44
C ASN A 86 29.24 0.54 -27.26
N LEU A 87 30.31 -0.05 -27.79
CA LEU A 87 31.48 0.71 -28.20
C LEU A 87 31.18 1.63 -29.38
N GLY A 88 30.28 1.24 -30.28
CA GLY A 88 29.97 2.08 -31.42
C GLY A 88 28.87 3.10 -31.16
N LYS A 89 28.06 2.86 -30.14
CA LYS A 89 26.84 3.64 -29.92
C LYS A 89 27.12 4.83 -29.02
N LYS A 90 26.08 5.67 -28.84
CA LYS A 90 26.12 6.76 -27.87
C LYS A 90 26.09 6.25 -26.43
N ASN A 91 25.83 4.97 -26.24
CA ASN A 91 25.86 4.32 -24.94
C ASN A 91 27.26 3.99 -24.48
N ALA A 92 28.27 4.26 -25.31
CA ALA A 92 29.62 3.75 -25.07
C ALA A 92 30.12 4.12 -23.69
N THR A 93 30.89 3.22 -23.09
CA THR A 93 31.53 3.45 -21.82
C THR A 93 33.04 3.41 -21.99
N THR A 94 33.74 4.19 -21.18
CA THR A 94 35.18 4.05 -21.17
C THR A 94 35.59 2.79 -20.40
N VAL A 95 36.84 2.38 -20.61
CA VAL A 95 37.40 1.24 -19.89
C VAL A 95 37.20 1.42 -18.39
N VAL A 96 37.61 2.59 -17.88
CA VAL A 96 37.54 2.82 -16.45
C VAL A 96 36.10 2.86 -15.98
N HIS A 97 35.24 3.57 -16.73
CA HIS A 97 33.85 3.62 -16.34
C HIS A 97 33.21 2.24 -16.38
N GLN A 98 33.61 1.41 -17.34
CA GLN A 98 33.02 0.08 -17.43
C GLN A 98 33.46 -0.81 -16.28
N ALA A 99 34.70 -0.65 -15.80
CA ALA A 99 35.15 -1.44 -14.68
C ALA A 99 34.38 -1.11 -13.40
N PHE A 100 34.16 0.18 -13.14
CA PHE A 100 33.39 0.54 -11.96
C PHE A 100 31.97 0.00 -12.03
N LYS A 101 31.39 -0.04 -13.23
CA LYS A 101 30.07 -0.65 -13.35
C LYS A 101 30.11 -2.14 -13.04
N ASP A 102 31.12 -2.85 -13.54
CA ASP A 102 31.20 -4.28 -13.26
C ASP A 102 31.52 -4.53 -11.80
N ALA A 103 32.31 -3.66 -11.16
CA ALA A 103 32.57 -3.80 -9.73
C ALA A 103 31.29 -3.58 -8.93
N LEU A 104 30.55 -2.51 -9.22
CA LEU A 104 29.30 -2.27 -8.50
C LEU A 104 28.29 -3.40 -8.75
N SER A 105 28.37 -4.06 -9.90
CA SER A 105 27.55 -5.25 -10.15
C SER A 105 27.84 -6.35 -9.15
N LYS A 106 29.07 -6.85 -9.15
CA LYS A 106 29.46 -7.91 -8.22
C LYS A 106 29.23 -7.47 -6.79
N TYR A 107 29.41 -6.19 -6.50
CA TYR A 107 29.21 -5.70 -5.14
C TYR A 107 27.76 -5.80 -4.72
N ASN A 108 26.85 -5.26 -5.54
CA ASN A 108 25.43 -5.31 -5.20
C ASN A 108 24.93 -6.75 -5.12
N ARG A 109 25.45 -7.62 -5.99
CA ARG A 109 24.95 -9.00 -5.98
C ARG A 109 25.44 -9.76 -4.76
N HIS A 110 26.69 -9.51 -4.35
CA HIS A 110 27.19 -10.12 -3.13
C HIS A 110 26.37 -9.68 -1.92
N ALA A 111 26.01 -8.39 -1.87
CA ALA A 111 25.20 -7.88 -0.77
C ALA A 111 23.80 -8.50 -0.80
N ARG A 112 23.23 -8.69 -2.00
CA ARG A 112 21.91 -9.27 -2.10
C ARG A 112 21.92 -10.74 -1.66
N GLN A 113 22.90 -11.51 -2.14
CA GLN A 113 22.96 -12.94 -1.82
C GLN A 113 23.23 -13.18 -0.35
N LYS A 114 23.71 -12.19 0.39
CA LYS A 114 23.94 -12.35 1.83
C LYS A 114 23.11 -11.33 2.61
N ARG A 115 21.81 -11.30 2.38
CA ARG A 115 20.92 -10.40 3.12
C ARG A 115 19.50 -10.95 3.18
N ARG A 121 10.96 -5.93 3.82
CA ARG A 121 10.89 -4.65 4.52
C ARG A 121 9.75 -3.77 3.97
N GLY A 122 8.82 -3.37 4.83
CA GLY A 122 7.61 -2.70 4.44
C GLY A 122 7.53 -1.25 4.85
N ILE A 124 6.81 2.19 6.82
CA ILE A 124 6.89 2.78 8.15
C ILE A 124 6.28 4.18 8.06
N PRO A 125 5.35 4.55 8.94
CA PRO A 125 4.68 5.86 8.80
C PRO A 125 5.66 7.00 9.01
N PRO A 126 5.68 7.97 8.09
CA PRO A 126 6.60 9.11 8.23
C PRO A 126 6.41 9.83 9.56
N LEU A 128 6.09 12.81 12.30
CA LEU A 128 5.23 13.98 12.29
C LEU A 128 5.75 15.04 13.24
N VAL A 129 5.43 16.29 12.94
CA VAL A 129 5.99 17.44 13.66
C VAL A 129 5.03 17.84 14.78
N LYS A 130 5.55 17.90 16.00
CA LYS A 130 4.71 18.23 17.15
C LYS A 130 4.58 19.74 17.36
N TYR A 131 5.69 20.46 17.40
CA TYR A 131 5.70 21.85 17.82
C TYR A 131 5.40 22.80 16.66
N PHE A 132 4.82 23.94 17.01
CA PHE A 132 4.22 24.86 16.05
C PHE A 132 4.59 26.29 16.47
N ASN A 133 5.39 26.95 15.64
CA ASN A 133 5.90 28.29 15.94
C ASN A 133 6.43 28.40 17.35
N ILE A 134 7.08 27.34 17.82
CA ILE A 134 7.85 27.39 19.05
C ILE A 134 9.01 26.42 18.94
N ILE A 135 10.17 26.87 19.37
CA ILE A 135 11.40 26.07 19.33
C ILE A 135 11.87 25.83 20.75
N PRO A 136 11.79 24.61 21.27
CA PRO A 136 12.22 24.34 22.65
C PRO A 136 13.69 24.71 22.85
N LYS A 137 13.98 25.31 24.01
CA LYS A 137 15.34 25.74 24.31
C LYS A 137 16.33 24.58 24.26
N THR A 138 15.85 23.36 24.50
CA THR A 138 16.71 22.19 24.41
C THR A 138 17.30 22.00 23.01
N PHE A 139 16.65 22.52 21.98
CA PHE A 139 17.20 22.42 20.63
C PHE A 139 18.57 23.07 20.54
N PHE A 140 18.83 24.09 21.35
CA PHE A 140 20.10 24.80 21.31
C PHE A 140 20.97 24.49 22.53
N GLU A 141 20.73 23.37 23.21
CA GLU A 141 21.65 22.91 24.25
C GLU A 141 22.47 21.72 23.79
N GLU A 142 22.33 21.32 22.53
CA GLU A 142 23.04 20.17 22.02
C GLU A 142 24.47 20.55 21.66
N GLU A 143 25.32 19.52 21.50
CA GLU A 143 26.68 19.76 21.04
C GLU A 143 26.73 20.30 19.62
N THR A 144 25.68 20.06 18.82
CA THR A 144 25.61 20.53 17.45
C THR A 144 24.38 21.42 17.28
N ASP A 145 24.50 22.42 16.41
CA ASP A 145 23.39 23.34 16.19
C ASP A 145 22.27 22.65 15.40
N PRO A 146 21.02 23.02 15.68
CA PRO A 146 19.90 22.43 14.92
C PRO A 146 19.91 22.85 13.47
N ILE A 147 19.23 22.06 12.64
CA ILE A 147 19.13 22.31 11.21
C ILE A 147 17.76 22.89 10.90
N VAL A 148 17.74 23.90 10.02
CA VAL A 148 16.51 24.51 9.53
C VAL A 148 16.39 24.20 8.04
N GLN A 149 15.19 23.85 7.62
CA GLN A 149 14.86 23.49 6.24
C GLN A 149 13.64 24.27 5.80
N ARG A 150 13.45 24.41 4.48
CA ARG A 150 12.21 25.03 4.08
C ARG A 150 11.06 24.04 4.16
N LYS A 151 9.86 24.59 4.27
CA LYS A 151 8.63 23.84 4.46
C LYS A 151 7.84 23.98 3.16
N ARG A 152 7.85 22.94 2.34
CA ARG A 152 7.16 22.98 1.06
C ARG A 152 5.72 22.50 1.24
N ASN A 153 4.79 23.24 0.63
CA ASN A 153 3.37 22.91 0.74
C ASN A 153 3.01 21.98 -0.42
N GLY A 154 3.42 20.72 -0.27
CA GLY A 154 3.12 19.70 -1.27
C GLY A 154 2.52 18.48 -0.62
N VAL A 155 2.94 17.32 -1.10
CA VAL A 155 2.44 16.03 -0.65
C VAL A 155 3.62 15.21 -0.15
N ARG A 156 3.48 14.62 1.04
CA ARG A 156 4.60 13.91 1.63
C ARG A 156 4.66 12.48 1.10
N ALA A 157 5.89 11.98 0.96
CA ALA A 157 6.11 10.67 0.36
C ALA A 157 7.41 10.10 0.88
N VAL A 158 7.42 8.79 1.10
CA VAL A 158 8.63 8.07 1.49
C VAL A 158 8.96 7.09 0.39
N ALA A 159 10.25 7.00 0.06
CA ALA A 159 10.74 6.07 -0.95
C ALA A 159 11.57 4.99 -0.27
N CYS A 160 11.40 3.75 -0.75
CA CYS A 160 12.25 2.65 -0.34
C CYS A 160 12.26 1.63 -1.46
N GLN A 161 13.14 0.64 -1.33
CA GLN A 161 13.25 -0.42 -2.32
C GLN A 161 12.96 -1.75 -1.64
N GLN A 162 12.05 -2.52 -2.23
CA GLN A 162 11.44 -3.68 -1.60
C GLN A 162 12.37 -4.89 -1.50
N GLY A 163 13.58 -4.82 -2.04
CA GLY A 163 14.52 -5.92 -1.97
C GLY A 163 14.45 -6.86 -3.15
N ASP A 164 13.24 -7.14 -3.64
CA ASP A 164 13.11 -7.81 -4.93
C ASP A 164 13.50 -6.90 -6.09
N GLY A 165 13.62 -5.59 -5.86
CA GLY A 165 13.99 -4.64 -6.88
C GLY A 165 12.96 -3.56 -7.12
N CYS A 166 11.79 -3.64 -6.50
CA CYS A 166 10.74 -2.65 -6.72
C CYS A 166 11.00 -1.40 -5.88
N ILE A 167 10.69 -0.25 -6.46
CA ILE A 167 10.78 1.03 -5.76
C ILE A 167 9.40 1.38 -5.24
N LEU A 168 9.27 1.49 -3.92
CA LEU A 168 8.00 1.80 -3.27
C LEU A 168 7.96 3.28 -2.90
N LEU A 169 6.95 4.00 -3.40
CA LEU A 169 6.69 5.39 -3.03
C LEU A 169 5.31 5.45 -2.35
N TYR A 170 5.29 5.60 -1.03
CA TYR A 170 4.02 5.61 -0.31
C TYR A 170 3.80 6.94 0.40
N SER A 171 2.58 7.09 0.92
CA SER A 171 2.10 8.36 1.44
C SER A 171 2.10 8.36 2.98
N ARG A 172 1.69 9.50 3.54
CA ARG A 172 1.47 9.58 4.97
C ARG A 172 0.38 8.62 5.42
N THR A 173 -0.54 8.29 4.50
CA THR A 173 -1.64 7.37 4.72
C THR A 173 -1.21 5.91 4.51
N GLU A 174 0.09 5.66 4.36
CA GLU A 174 0.61 4.35 4.00
C GLU A 174 -0.14 3.78 2.80
N LYS A 175 0.00 4.48 1.67
CA LYS A 175 -0.66 4.10 0.43
C LYS A 175 0.28 4.38 -0.73
N GLU A 176 0.50 3.37 -1.56
CA GLU A 176 1.44 3.50 -2.67
C GLU A 176 0.92 4.46 -3.72
N PHE A 177 1.82 5.25 -4.30
CA PHE A 177 1.46 6.25 -5.29
C PHE A 177 1.43 5.65 -6.69
N LEU A 178 0.48 6.10 -7.50
CA LEU A 178 0.44 5.76 -8.91
C LEU A 178 1.10 6.86 -9.74
N GLY A 179 1.58 6.48 -10.92
CA GLY A 179 2.24 7.45 -11.77
C GLY A 179 3.60 7.82 -11.21
N LEU A 180 3.93 9.11 -11.31
CA LEU A 180 5.22 9.64 -10.85
C LEU A 180 6.37 8.83 -11.44
N ASP A 181 6.20 8.42 -12.71
CA ASP A 181 7.19 7.57 -13.35
C ASP A 181 8.52 8.28 -13.50
N ASN A 182 8.49 9.59 -13.74
CA ASN A 182 9.73 10.35 -13.78
C ASN A 182 10.48 10.24 -12.47
N ILE A 183 9.77 10.16 -11.34
CA ILE A 183 10.42 10.10 -10.05
C ILE A 183 10.85 8.67 -9.72
N LYS A 184 9.98 7.69 -10.00
CA LYS A 184 10.34 6.30 -9.74
C LYS A 184 11.48 5.85 -10.61
N LYS A 185 11.54 6.34 -11.86
CA LYS A 185 12.64 6.01 -12.75
C LYS A 185 13.97 6.47 -12.15
N GLU A 186 14.03 7.72 -11.69
CA GLU A 186 15.28 8.23 -11.11
C GLU A 186 15.62 7.55 -9.79
N LEU A 187 14.61 7.15 -9.01
CA LEU A 187 14.92 6.46 -7.76
C LEU A 187 15.53 5.09 -8.02
N LYS A 188 15.07 4.40 -9.07
CA LYS A 188 15.65 3.10 -9.41
C LYS A 188 17.12 3.24 -9.79
N GLN A 189 17.45 4.27 -10.56
CA GLN A 189 18.85 4.52 -10.90
C GLN A 189 19.66 4.90 -9.67
N LEU A 190 19.09 5.74 -8.79
CA LEU A 190 19.84 6.19 -7.63
C LEU A 190 20.09 5.06 -6.65
N TYR A 191 19.18 4.09 -6.57
CA TYR A 191 19.32 3.01 -5.60
C TYR A 191 20.38 1.99 -5.97
N LEU A 192 20.89 2.01 -7.22
CA LEU A 192 22.02 1.15 -7.56
C LEU A 192 23.28 1.54 -6.81
N PHE A 193 23.45 2.83 -6.52
CA PHE A 193 24.67 3.37 -5.92
C PHE A 193 24.58 3.55 -4.42
N ILE A 194 23.40 3.38 -3.82
CA ILE A 194 23.20 3.67 -2.40
C ILE A 194 22.76 2.40 -1.69
N ASP A 195 22.94 2.41 -0.38
CA ASP A 195 22.48 1.31 0.48
C ASP A 195 21.03 1.02 0.22
N VAL A 196 20.72 -0.23 -0.14
CA VAL A 196 19.35 -0.58 -0.51
C VAL A 196 18.41 -0.62 0.68
N ARG A 197 18.94 -0.59 1.89
CA ARG A 197 18.14 -0.61 3.11
C ARG A 197 17.62 0.77 3.54
N VAL A 198 18.01 1.84 2.85
CA VAL A 198 17.70 3.20 3.30
C VAL A 198 16.28 3.58 2.87
N TYR A 199 15.58 4.28 3.75
CA TYR A 199 14.33 4.94 3.41
C TYR A 199 14.64 6.41 3.14
N LEU A 200 14.14 6.92 2.00
CA LEU A 200 14.28 8.34 1.68
C LEU A 200 12.95 9.04 1.90
N ASP A 201 12.98 10.07 2.74
CA ASP A 201 11.77 10.73 3.23
C ASP A 201 11.74 12.17 2.75
N GLY A 202 10.70 12.52 2.00
CA GLY A 202 10.64 13.82 1.38
C GLY A 202 9.24 14.28 1.05
N GLU A 203 9.16 15.19 0.09
CA GLU A 203 7.91 15.87 -0.23
C GLU A 203 7.76 15.94 -1.75
N LEU A 204 6.60 15.56 -2.26
CA LEU A 204 6.32 15.75 -3.67
C LEU A 204 5.79 17.16 -3.89
N TYR A 205 6.31 17.84 -4.92
CA TYR A 205 6.16 19.28 -4.97
C TYR A 205 6.60 19.79 -6.33
N LEU A 206 6.01 20.91 -6.75
CA LEU A 206 6.53 21.70 -7.85
C LEU A 206 6.22 23.15 -7.53
N HIS A 207 7.25 23.99 -7.51
CA HIS A 207 7.11 25.29 -6.86
C HIS A 207 6.22 26.23 -7.66
N ARG A 208 5.59 27.18 -6.96
CA ARG A 208 4.65 28.13 -7.52
C ARG A 208 3.37 27.45 -8.01
N LYS A 209 3.00 26.31 -7.41
CA LYS A 209 1.78 25.62 -7.78
C LYS A 209 0.95 25.33 -6.53
N PRO A 210 -0.37 25.50 -6.61
CA PRO A 210 -1.21 25.26 -5.44
C PRO A 210 -1.28 23.77 -5.09
N LEU A 211 -1.61 23.51 -3.83
CA LEU A 211 -1.64 22.14 -3.34
C LEU A 211 -2.75 21.33 -3.99
N GLN A 212 -3.85 21.97 -4.39
CA GLN A 212 -4.88 21.26 -5.13
C GLN A 212 -4.31 20.62 -6.40
N TRP A 213 -3.42 21.35 -7.09
CA TRP A 213 -2.81 20.81 -8.30
C TRP A 213 -1.79 19.71 -7.97
N ILE A 214 -0.92 19.98 -7.00
CA ILE A 214 0.10 19.00 -6.65
C ILE A 214 -0.53 17.71 -6.14
N ALA A 215 -1.50 17.84 -5.23
CA ALA A 215 -2.25 16.66 -4.80
C ALA A 215 -3.00 16.03 -5.95
N GLY A 216 -3.40 16.84 -6.94
CA GLY A 216 -4.12 16.30 -8.09
C GLY A 216 -3.25 15.37 -8.93
N GLN A 217 -1.99 15.74 -9.14
CA GLN A 217 -1.08 14.91 -9.94
C GLN A 217 -0.58 13.71 -9.15
N ALA A 218 -0.39 13.88 -7.83
CA ALA A 218 0.16 12.79 -7.03
C ALA A 218 -0.85 11.64 -6.88
N ASN A 219 -2.10 11.98 -6.61
CA ASN A 219 -3.11 10.94 -6.39
C ASN A 219 -3.48 10.24 -7.69
N ALA A 220 -3.71 11.01 -8.76
CA ALA A 220 -4.16 10.43 -10.01
C ALA A 220 -3.11 9.49 -10.61
N LYS A 221 -3.58 8.54 -11.40
CA LYS A 221 -2.73 7.58 -12.08
C LYS A 221 -2.27 8.07 -13.46
N THR A 222 -2.52 9.33 -13.79
CA THR A 222 -2.17 9.87 -15.09
C THR A 222 -1.58 11.27 -14.92
N ASP A 223 -0.48 11.35 -14.17
CA ASP A 223 0.17 12.64 -14.01
C ASP A 223 1.06 12.93 -15.21
N SER A 224 1.33 14.22 -15.42
CA SER A 224 2.14 14.70 -16.53
C SER A 224 3.64 14.52 -16.31
N SER A 225 4.04 13.85 -15.23
CA SER A 225 5.45 13.63 -14.91
C SER A 225 6.19 14.96 -14.78
N GLU A 226 5.57 15.89 -14.07
CA GLU A 226 6.14 17.22 -13.86
C GLU A 226 6.44 17.52 -12.40
N LEU A 227 6.11 16.63 -11.47
CA LEU A 227 6.39 16.88 -10.07
C LEU A 227 7.82 16.46 -9.73
N HIS A 228 8.36 17.09 -8.69
CA HIS A 228 9.68 16.76 -8.20
C HIS A 228 9.58 16.19 -6.80
N PHE A 229 10.65 15.51 -6.39
CA PHE A 229 10.71 14.86 -5.08
C PHE A 229 11.87 15.48 -4.30
N TYR A 230 11.55 16.20 -3.22
CA TYR A 230 12.53 16.88 -2.41
C TYR A 230 12.75 16.09 -1.12
N VAL A 231 13.91 15.46 -1.00
CA VAL A 231 14.23 14.59 0.13
C VAL A 231 14.83 15.44 1.25
N PHE A 232 14.24 15.37 2.44
CA PHE A 232 14.75 16.11 3.58
C PHE A 232 15.19 15.23 4.74
N ASP A 233 15.16 13.91 4.60
CA ASP A 233 15.57 13.02 5.68
C ASP A 233 15.71 11.61 5.12
N CYS A 234 16.38 10.76 5.88
CA CYS A 234 16.50 9.35 5.56
C CYS A 234 16.61 8.56 6.85
N PHE A 235 16.31 7.27 6.78
CA PHE A 235 16.46 6.42 7.95
C PHE A 235 16.57 4.96 7.55
N TRP A 236 17.04 4.17 8.51
CA TRP A 236 17.11 2.72 8.41
C TRP A 236 16.20 2.09 9.46
N SER A 237 15.46 1.06 9.06
CA SER A 237 14.51 0.41 9.96
C SER A 237 15.18 -0.15 11.21
N ASP A 238 16.42 -0.61 11.08
CA ASP A 238 17.14 -1.22 12.18
C ASP A 238 17.89 -0.21 13.05
N GLN A 239 17.87 1.07 12.70
CA GLN A 239 18.60 2.09 13.45
C GLN A 239 17.80 3.39 13.54
N LEU A 240 16.59 3.29 14.09
CA LEU A 240 15.74 4.46 14.25
C LEU A 240 16.20 5.40 15.36
N GLN A 241 17.16 4.99 16.18
CA GLN A 241 17.72 5.85 17.21
C GLN A 241 18.80 6.79 16.68
N PRO A 243 20.85 9.77 15.42
CA PRO A 243 20.58 11.20 15.60
C PRO A 243 20.39 11.90 14.27
N SER A 244 19.59 12.98 14.31
CA SER A 244 19.26 13.71 13.09
C SER A 244 20.51 14.14 12.35
N ASN A 245 21.51 14.65 13.07
CA ASN A 245 22.73 15.11 12.44
C ASN A 245 23.38 14.02 11.60
N LYS A 246 23.59 12.83 12.20
CA LYS A 246 24.22 11.74 11.46
C LYS A 246 23.38 11.32 10.26
N ARG A 247 22.06 11.34 10.40
CA ARG A 247 21.21 10.97 9.26
C ARG A 247 21.35 11.97 8.13
N GLN A 248 21.63 13.24 8.44
CA GLN A 248 21.74 14.21 7.35
C GLN A 248 23.09 14.15 6.64
N GLN A 249 24.14 13.67 7.29
CA GLN A 249 25.39 13.45 6.55
C GLN A 249 25.27 12.25 5.62
N LEU A 250 24.74 11.14 6.13
CA LEU A 250 24.45 10.00 5.26
C LEU A 250 23.59 10.43 4.08
N LEU A 251 22.54 11.21 4.34
CA LEU A 251 21.70 11.66 3.25
C LEU A 251 22.49 12.53 2.27
N THR A 252 23.40 13.36 2.78
CA THR A 252 24.17 14.22 1.89
C THR A 252 25.24 13.43 1.15
N ASN A 253 25.81 12.38 1.76
CA ASN A 253 26.70 11.51 1.02
C ASN A 253 25.95 10.76 -0.07
N ILE A 254 24.68 10.42 0.17
CA ILE A 254 23.89 9.75 -0.85
C ILE A 254 23.74 10.64 -2.07
N PHE A 255 23.50 11.94 -1.85
CA PHE A 255 23.29 12.86 -2.96
C PHE A 255 24.58 13.41 -3.55
N LYS A 256 25.70 13.28 -2.85
CA LYS A 256 26.98 13.62 -3.47
C LYS A 256 27.23 12.75 -4.69
N GLN A 257 26.88 11.48 -4.59
CA GLN A 257 27.01 10.51 -5.66
C GLN A 257 26.37 10.98 -6.97
N LYS A 258 25.04 11.12 -6.99
CA LYS A 258 24.34 11.50 -8.21
C LYS A 258 23.85 12.94 -8.09
N GLU A 259 24.41 13.82 -8.91
CA GLU A 259 23.92 15.18 -9.06
C GLU A 259 23.31 15.42 -10.43
N ASP A 260 23.31 14.40 -11.30
CA ASP A 260 22.69 14.47 -12.62
C ASP A 260 21.18 14.32 -12.58
N LEU A 261 20.61 13.95 -11.42
CA LEU A 261 19.17 13.70 -11.33
C LEU A 261 18.40 14.99 -11.62
N THR A 262 17.25 14.83 -12.29
CA THR A 262 16.45 15.98 -12.68
C THR A 262 15.23 16.19 -11.81
N PHE A 263 14.64 15.12 -11.28
CA PHE A 263 13.41 15.21 -10.53
C PHE A 263 13.57 14.96 -9.04
N ILE A 264 14.78 14.63 -8.58
CA ILE A 264 15.03 14.33 -7.18
C ILE A 264 16.07 15.30 -6.63
N HIS A 265 15.82 15.80 -5.42
CA HIS A 265 16.65 16.85 -4.85
C HIS A 265 16.75 16.70 -3.34
N GLN A 266 17.96 16.88 -2.81
CA GLN A 266 18.11 17.06 -1.38
C GLN A 266 17.68 18.48 -0.98
N VAL A 267 17.12 18.58 0.21
CA VAL A 267 16.64 19.85 0.75
C VAL A 267 17.82 20.55 1.41
N GLU A 268 18.01 21.84 1.08
CA GLU A 268 19.11 22.60 1.64
C GLU A 268 19.04 22.64 3.16
N ASN A 269 20.17 22.39 3.81
CA ASN A 269 20.25 22.40 5.27
C ASN A 269 20.90 23.69 5.74
N PHE A 270 20.30 24.32 6.75
CA PHE A 270 20.80 25.57 7.32
C PHE A 270 21.06 25.37 8.81
N SER A 271 22.21 25.85 9.27
CA SER A 271 22.53 25.86 10.69
C SER A 271 22.11 27.16 11.35
N VAL A 272 21.50 27.05 12.53
CA VAL A 272 21.15 28.22 13.33
C VAL A 272 21.62 28.00 14.75
N LYS A 273 21.96 29.09 15.44
CA LYS A 273 22.41 29.02 16.82
C LYS A 273 21.43 29.61 17.81
N ASN A 274 20.33 30.19 17.35
CA ASN A 274 19.37 30.79 18.27
C ASN A 274 18.02 30.89 17.56
N VAL A 275 17.01 31.30 18.32
CA VAL A 275 15.65 31.36 17.79
C VAL A 275 15.54 32.44 16.73
N ASP A 276 16.21 33.57 16.96
CA ASP A 276 16.10 34.67 16.02
C ASP A 276 16.70 34.30 14.66
N GLU A 277 17.83 33.61 14.67
CA GLU A 277 18.40 33.07 13.45
C GLU A 277 17.39 32.20 12.70
N ALA A 278 16.62 31.40 13.43
CA ALA A 278 15.64 30.52 12.79
C ALA A 278 14.49 31.31 12.19
N LEU A 279 14.04 32.36 12.88
CA LEU A 279 12.88 33.12 12.39
C LEU A 279 13.22 33.98 11.19
N ARG A 280 14.49 34.37 11.05
CA ARG A 280 14.87 35.07 9.83
C ARG A 280 14.86 34.13 8.63
N LEU A 281 15.28 32.89 8.80
CA LEU A 281 15.17 31.95 7.68
C LEU A 281 13.70 31.69 7.34
N LYS A 282 12.84 31.64 8.36
CA LYS A 282 11.42 31.47 8.11
C LYS A 282 10.86 32.64 7.31
N ALA A 283 11.18 33.87 7.75
CA ALA A 283 10.82 35.03 6.96
C ALA A 283 11.32 34.88 5.53
N GLN A 284 12.59 34.50 5.38
CA GLN A 284 13.16 34.44 4.04
C GLN A 284 12.43 33.43 3.16
N PHE A 285 12.06 32.26 3.72
CA PHE A 285 11.42 31.26 2.85
C PHE A 285 10.01 31.69 2.46
N ILE A 286 9.30 32.42 3.33
CA ILE A 286 7.97 32.90 2.97
C ILE A 286 8.05 33.89 1.81
N LYS A 287 9.10 34.73 1.78
CA LYS A 287 9.20 35.67 0.67
C LYS A 287 9.56 34.97 -0.63
N GLU A 288 10.17 33.79 -0.56
CA GLU A 288 10.36 33.01 -1.77
C GLU A 288 9.17 32.12 -2.11
N GLY A 289 8.09 32.20 -1.34
CA GLY A 289 6.87 31.51 -1.66
C GLY A 289 6.68 30.18 -1.01
N TYR A 290 7.55 29.79 -0.08
CA TYR A 290 7.34 28.53 0.61
C TYR A 290 6.45 28.75 1.83
N GLU A 291 6.03 27.64 2.44
CA GLU A 291 5.03 27.72 3.50
C GLU A 291 5.65 28.06 4.84
N GLY A 292 6.94 27.80 5.03
CA GLY A 292 7.60 28.18 6.26
C GLY A 292 8.90 27.43 6.45
N ALA A 293 9.22 27.08 7.69
CA ALA A 293 10.46 26.42 7.99
C ALA A 293 10.19 25.15 8.81
N ILE A 294 11.17 24.24 8.77
CA ILE A 294 11.22 23.07 9.64
C ILE A 294 12.50 23.17 10.44
N VAL A 295 12.40 22.94 11.74
CA VAL A 295 13.54 22.98 12.66
C VAL A 295 13.75 21.56 13.19
N ARG A 296 14.98 21.07 13.10
CA ARG A 296 15.30 19.72 13.56
C ARG A 296 16.37 19.75 14.64
N ASN A 297 16.02 19.20 15.79
CA ASN A 297 17.01 19.00 16.84
C ASN A 297 18.11 18.09 16.31
N ALA A 298 19.36 18.42 16.64
CA ALA A 298 20.49 17.73 16.03
C ALA A 298 20.55 16.27 16.46
N ASN A 299 20.09 15.94 17.67
CA ASN A 299 20.18 14.57 18.17
C ASN A 299 18.85 13.85 18.16
N GLY A 300 17.88 14.34 17.38
CA GLY A 300 16.60 13.68 17.30
C GLY A 300 16.67 12.36 16.57
N PRO A 301 16.12 11.29 17.18
CA PRO A 301 15.97 10.01 16.48
C PRO A 301 14.84 10.10 15.46
N TYR A 302 14.59 9.03 14.71
CA TYR A 302 13.46 9.00 13.79
C TYR A 302 12.32 8.23 14.44
N GLU A 303 11.30 8.96 14.86
CA GLU A 303 10.11 8.53 15.58
C GLU A 303 8.97 8.46 14.57
N PRO A 304 8.65 7.28 14.03
CA PRO A 304 7.57 7.19 13.03
C PRO A 304 6.22 7.53 13.66
N GLY A 305 5.36 8.11 12.85
CA GLY A 305 4.06 8.53 13.31
C GLY A 305 3.09 7.39 13.35
N TYR A 306 3.27 6.53 14.33
CA TYR A 306 2.46 5.34 14.45
C TYR A 306 0.98 5.57 14.64
N ASN A 307 0.57 6.17 15.73
CA ASN A 307 -0.85 6.42 15.90
C ASN A 307 -1.03 7.89 15.88
N ASN A 308 -0.66 8.45 14.74
CA ASN A 308 -0.62 9.86 14.45
C ASN A 308 0.22 10.41 15.54
N TYR A 309 1.35 9.78 15.75
CA TYR A 309 2.20 10.30 16.83
C TYR A 309 3.11 11.39 16.28
N HIS A 310 3.18 12.52 16.99
CA HIS A 310 4.02 13.65 16.61
C HIS A 310 5.31 13.74 17.44
N SER A 311 6.42 13.94 16.78
CA SER A 311 7.72 13.98 17.44
C SER A 311 8.00 15.34 18.04
N ALA A 312 8.47 15.35 19.28
CA ALA A 312 8.81 16.58 19.97
C ALA A 312 10.21 17.07 19.64
N HIS A 313 10.83 16.55 18.58
CA HIS A 313 12.15 17.01 18.17
C HIS A 313 12.14 17.60 16.77
N LEU A 314 10.97 18.00 16.28
CA LEU A 314 10.83 18.89 15.14
C LEU A 314 9.84 19.99 15.48
N ALA A 315 9.99 21.12 14.81
CA ALA A 315 9.07 22.23 14.96
C ALA A 315 8.82 22.84 13.59
N LYS A 316 7.55 23.12 13.30
CA LYS A 316 7.23 23.88 12.09
C LYS A 316 7.09 25.35 12.45
N LEU A 317 7.58 26.21 11.56
CA LEU A 317 7.42 27.66 11.67
C LEU A 317 6.61 28.10 10.46
N LYS A 318 5.32 28.35 10.66
CA LYS A 318 4.46 28.81 9.58
C LYS A 318 3.59 29.94 10.01
N PRO A 319 2.96 30.56 9.03
CA PRO A 319 1.96 31.58 9.39
C PRO A 319 0.69 30.92 9.91
N LEU A 320 -0.05 31.67 10.73
CA LEU A 320 -1.23 31.13 11.37
C LEU A 320 -2.44 31.23 10.45
N LEU A 321 -3.43 30.40 10.73
CA LEU A 321 -4.67 30.39 9.97
C LEU A 321 -5.62 31.47 10.47
N ASP A 322 -6.63 31.76 9.66
CA ASP A 322 -7.59 32.82 9.95
C ASP A 322 -8.99 32.23 10.01
N ALA A 323 -9.80 32.78 10.91
CA ALA A 323 -11.17 32.32 11.09
C ALA A 323 -11.91 33.35 11.93
N GLU A 324 -13.22 33.17 12.02
CA GLU A 324 -14.08 34.04 12.82
C GLU A 324 -14.90 33.16 13.77
N PHE A 325 -15.03 33.61 15.01
CA PHE A 325 -15.77 32.87 16.03
C PHE A 325 -16.62 33.85 16.82
N ILE A 326 -17.59 33.30 17.54
CA ILE A 326 -18.53 34.08 18.34
C ILE A 326 -18.03 34.11 19.77
N LEU A 327 -17.82 35.31 20.30
CA LEU A 327 -17.40 35.50 21.68
C LEU A 327 -18.55 35.18 22.62
N VAL A 328 -18.35 34.23 23.54
CA VAL A 328 -19.45 33.77 24.39
C VAL A 328 -19.17 33.91 25.88
N ASP A 329 -17.92 34.15 26.31
CA ASP A 329 -17.62 34.27 27.73
C ASP A 329 -16.19 34.79 27.86
N TYR A 330 -15.80 35.04 29.10
CA TYR A 330 -14.42 35.43 29.38
C TYR A 330 -14.00 34.82 30.71
N THR A 331 -12.69 34.79 30.93
CA THR A 331 -12.12 34.20 32.13
C THR A 331 -10.72 34.79 32.33
N GLN A 332 -9.91 34.13 33.15
CA GLN A 332 -8.54 34.57 33.41
C GLN A 332 -7.59 33.39 33.31
N GLY A 333 -6.31 33.71 33.12
CA GLY A 333 -5.29 32.69 33.09
C GLY A 333 -4.99 32.15 34.49
N LYS A 334 -4.46 30.93 34.52
CA LYS A 334 -4.19 30.23 35.76
C LYS A 334 -2.73 30.21 36.16
N LYS A 335 -1.82 30.07 35.19
CA LYS A 335 -0.42 29.73 35.45
C LYS A 335 0.45 30.99 35.40
N GLY A 336 0.92 31.43 36.56
CA GLY A 336 2.01 32.40 36.63
C GLY A 336 1.71 33.79 36.13
N LYS A 337 2.40 34.20 35.06
CA LYS A 337 2.18 35.54 34.51
C LYS A 337 0.78 35.69 33.96
N ASP A 338 0.19 34.60 33.46
CA ASP A 338 -1.18 34.63 32.97
C ASP A 338 -2.21 34.70 34.09
N LEU A 339 -1.82 34.44 35.34
CA LEU A 339 -2.75 34.55 36.44
C LEU A 339 -3.25 36.00 36.56
N GLY A 340 -4.57 36.15 36.66
CA GLY A 340 -5.19 37.45 36.73
C GLY A 340 -5.30 38.18 35.41
N ALA A 341 -4.85 37.57 34.32
CA ALA A 341 -4.88 38.18 33.00
C ALA A 341 -6.07 37.62 32.22
N ILE A 342 -6.85 38.52 31.62
CA ILE A 342 -8.12 38.13 31.02
C ILE A 342 -7.89 37.29 29.77
N LEU A 343 -8.77 36.32 29.55
CA LEU A 343 -8.78 35.52 28.34
C LEU A 343 -10.20 35.48 27.81
N TRP A 344 -10.34 35.45 26.48
CA TRP A 344 -11.67 35.34 25.93
C TRP A 344 -12.03 33.88 25.68
N VAL A 345 -13.32 33.63 25.61
CA VAL A 345 -13.88 32.31 25.39
C VAL A 345 -14.79 32.43 24.18
N CYS A 346 -14.27 32.03 23.02
CA CYS A 346 -15.11 31.91 21.84
C CYS A 346 -15.77 30.53 21.84
N GLU A 347 -16.57 30.26 20.81
CA GLU A 347 -17.30 29.01 20.71
C GLU A 347 -17.31 28.53 19.27
N LEU A 348 -17.05 27.25 19.07
CA LEU A 348 -17.16 26.66 17.76
C LEU A 348 -18.63 26.41 17.42
N PRO A 349 -18.98 26.36 16.14
CA PRO A 349 -20.38 26.08 15.77
C PRO A 349 -20.95 24.83 16.43
N ASN A 350 -20.10 23.86 16.79
CA ASN A 350 -20.52 22.67 17.51
C ASN A 350 -20.79 22.93 18.99
N LYS A 351 -20.93 24.20 19.39
CA LYS A 351 -21.16 24.67 20.77
C LYS A 351 -20.00 24.35 21.70
N LYS A 352 -18.93 23.74 21.20
CA LYS A 352 -17.73 23.53 22.00
C LYS A 352 -16.93 24.81 22.04
N ARG A 353 -16.36 25.13 23.21
CA ARG A 353 -15.78 26.44 23.42
C ARG A 353 -14.32 26.31 23.81
N PHE A 354 -13.58 27.40 23.65
CA PHE A 354 -12.13 27.37 23.77
C PHE A 354 -11.63 28.76 24.16
N VAL A 355 -10.42 28.78 24.69
CA VAL A 355 -9.79 30.01 25.17
C VAL A 355 -9.05 30.69 24.03
N VAL A 356 -9.22 32.00 23.93
CA VAL A 356 -8.48 32.84 22.99
C VAL A 356 -7.78 33.94 23.77
N THR A 357 -6.52 34.22 23.41
CA THR A 357 -5.70 35.15 24.17
C THR A 357 -5.73 36.52 23.52
N PRO A 358 -6.03 37.59 24.25
CA PRO A 358 -5.87 38.93 23.68
C PRO A 358 -4.43 39.17 23.25
N LYS A 359 -4.26 39.52 21.99
CA LYS A 359 -2.91 39.64 21.42
C LYS A 359 -2.31 41.03 21.62
N HIS A 360 -3.11 42.08 21.50
CA HIS A 360 -2.59 43.44 21.45
C HIS A 360 -2.71 44.19 22.77
N LEU A 361 -2.98 43.51 23.88
CA LEU A 361 -3.09 44.16 25.18
C LEU A 361 -1.91 43.79 26.07
N THR A 362 -1.38 44.80 26.77
CA THR A 362 -0.34 44.56 27.75
C THR A 362 -0.90 43.79 28.93
N TYR A 363 0.00 43.24 29.74
CA TYR A 363 -0.45 42.44 30.88
C TYR A 363 -1.14 43.31 31.93
N ALA A 364 -0.71 44.57 32.06
CA ALA A 364 -1.46 45.50 32.90
C ALA A 364 -2.90 45.63 32.43
N ASP A 365 -3.09 45.70 31.10
CA ASP A 365 -4.45 45.78 30.56
C ASP A 365 -5.24 44.52 30.89
N ARG A 366 -4.64 43.35 30.69
CA ARG A 366 -5.33 42.10 30.95
C ARG A 366 -5.73 41.99 32.43
N TYR A 367 -4.87 42.50 33.32
CA TYR A 367 -5.24 42.53 34.74
C TYR A 367 -6.41 43.48 34.96
N ALA A 368 -6.30 44.70 34.46
CA ALA A 368 -7.33 45.70 34.66
C ALA A 368 -8.66 45.25 34.08
N LEU A 369 -8.65 44.71 32.86
CA LEU A 369 -9.89 44.31 32.22
C LEU A 369 -10.60 43.24 33.02
N PHE A 370 -9.86 42.23 33.46
CA PHE A 370 -10.48 41.15 34.23
C PHE A 370 -10.98 41.62 35.58
N GLN A 371 -10.41 42.70 36.13
CA GLN A 371 -10.90 43.24 37.39
C GLN A 371 -12.15 44.08 37.18
N LYS A 372 -12.15 44.94 36.16
CA LYS A 372 -13.22 45.92 35.97
C LYS A 372 -14.42 45.38 35.18
N LEU A 373 -14.23 44.31 34.41
CA LEU A 373 -15.34 43.75 33.65
C LEU A 373 -16.38 43.11 34.56
N THR A 374 -17.63 43.11 34.09
CA THR A 374 -18.74 42.48 34.76
C THR A 374 -19.45 41.51 33.81
N PRO A 375 -20.02 40.42 34.31
CA PRO A 375 -20.96 39.64 33.49
C PRO A 375 -21.98 40.55 32.81
N ALA A 376 -22.45 41.57 33.53
CA ALA A 376 -23.39 42.53 32.95
C ALA A 376 -22.76 43.27 31.77
N LEU A 377 -21.64 43.94 32.01
CA LEU A 377 -21.02 44.73 30.95
C LEU A 377 -20.60 43.87 29.78
N PHE A 378 -20.33 42.58 30.01
CA PHE A 378 -19.93 41.70 28.93
C PHE A 378 -21.11 41.11 28.19
N LYS A 379 -22.21 40.84 28.90
CA LYS A 379 -23.41 40.37 28.24
C LYS A 379 -23.99 41.42 27.29
N LYS A 380 -23.76 42.70 27.58
CA LYS A 380 -24.40 43.77 26.84
C LYS A 380 -23.53 44.33 25.71
N HIS A 381 -22.21 44.11 25.74
CA HIS A 381 -21.30 44.66 24.75
C HIS A 381 -20.36 43.68 24.06
N LEU A 382 -20.20 42.45 24.54
CA LEU A 382 -19.20 41.59 23.93
C LEU A 382 -19.83 40.25 23.56
N TYR A 383 -20.87 39.87 24.28
CA TYR A 383 -21.48 38.57 24.05
C TYR A 383 -22.05 38.47 22.64
N GLY A 384 -21.79 37.33 22.01
CA GLY A 384 -22.31 37.06 20.69
C GLY A 384 -21.60 37.78 19.56
N LYS A 385 -20.65 38.65 19.85
CA LYS A 385 -19.94 39.35 18.79
C LYS A 385 -19.00 38.40 18.05
N GLU A 386 -18.66 38.79 16.82
CA GLU A 386 -17.77 37.99 15.99
C GLU A 386 -16.34 38.47 16.19
N LEU A 387 -15.42 37.52 16.36
CA LEU A 387 -14.04 37.81 16.73
C LEU A 387 -13.11 37.02 15.84
N THR A 388 -12.19 37.70 15.16
CA THR A 388 -11.23 37.04 14.29
C THR A 388 -10.07 36.50 15.14
N VAL A 389 -9.69 35.25 14.87
CA VAL A 389 -8.80 34.50 15.75
C VAL A 389 -7.67 33.89 14.93
N GLU A 390 -6.44 34.38 15.12
CA GLU A 390 -5.27 33.68 14.62
C GLU A 390 -5.06 32.39 15.40
N TYR A 391 -4.98 31.27 14.69
CA TYR A 391 -4.81 29.97 15.36
C TYR A 391 -3.84 29.11 14.56
N ALA A 392 -3.33 28.07 15.24
CA ALA A 392 -2.31 27.18 14.66
C ALA A 392 -2.96 26.00 13.94
N GLU A 393 -3.57 25.10 14.72
CA GLU A 393 -4.19 23.89 14.18
C GLU A 393 -5.52 23.66 14.88
N LEU A 394 -6.16 22.55 14.56
CA LEU A 394 -7.41 22.13 15.18
C LEU A 394 -7.19 20.83 15.95
N SER A 395 -7.43 20.86 17.25
CA SER A 395 -7.17 19.72 18.11
C SER A 395 -8.01 18.52 17.71
N PRO A 396 -7.40 17.38 17.33
CA PRO A 396 -8.10 16.17 16.90
C PRO A 396 -8.51 15.23 18.04
N GLY A 399 -11.49 19.51 18.07
CA GLY A 399 -11.77 20.47 17.02
C GLY A 399 -11.46 21.90 17.43
N ILE A 400 -10.96 22.05 18.65
CA ILE A 400 -10.71 23.39 19.20
C ILE A 400 -9.47 23.98 18.55
N PRO A 401 -9.48 25.26 18.16
CA PRO A 401 -8.27 25.90 17.65
C PRO A 401 -7.22 26.01 18.73
N LEU A 402 -5.98 25.72 18.37
CA LEU A 402 -4.87 25.71 19.32
C LEU A 402 -4.00 26.94 19.13
N GLN A 403 -3.40 27.40 20.23
CA GLN A 403 -2.61 28.63 20.25
C GLN A 403 -3.39 29.78 19.61
N ALA A 404 -4.63 29.97 20.09
CA ALA A 404 -5.52 30.95 19.51
C ALA A 404 -5.26 32.34 20.09
N ARG A 405 -5.27 33.34 19.22
CA ARG A 405 -5.05 34.73 19.60
C ARG A 405 -6.08 35.60 18.89
N ALA A 406 -6.55 36.63 19.60
CA ALA A 406 -7.56 37.52 19.07
C ALA A 406 -6.88 38.65 18.32
N VAL A 407 -7.13 38.74 17.02
CA VAL A 407 -6.66 39.88 16.24
C VAL A 407 -7.53 41.10 16.53
N GLY A 408 -8.85 40.92 16.46
CA GLY A 408 -9.78 42.01 16.69
C GLY A 408 -11.17 41.56 16.31
N PHE A 409 -12.13 42.45 16.58
CA PHE A 409 -13.52 42.17 16.26
C PHE A 409 -13.85 42.66 14.85
N ARG A 410 -15.00 42.21 14.34
CA ARG A 410 -15.53 42.76 13.10
C ARG A 410 -15.88 44.22 13.36
N GLU A 411 -17.00 44.46 14.04
CA GLU A 411 -17.30 45.82 14.48
C GLU A 411 -16.32 46.22 15.56
N PRO A 412 -15.43 47.18 15.31
CA PRO A 412 -14.32 47.43 16.26
C PRO A 412 -14.79 48.20 17.48
N ILE A 413 -14.46 47.65 18.66
CA ILE A 413 -14.70 48.32 19.94
C ILE A 413 -13.36 48.34 20.68
N ASN A 414 -13.23 49.29 21.60
CA ASN A 414 -12.09 49.33 22.49
C ASN A 414 -12.54 48.79 23.83
N VAL A 415 -12.07 47.58 24.17
CA VAL A 415 -12.55 46.91 25.36
C VAL A 415 -12.03 47.57 26.62
N LEU A 416 -10.93 48.33 26.53
CA LEU A 416 -10.43 49.02 27.72
C LEU A 416 -11.38 50.10 28.20
N GLU A 417 -12.25 50.60 27.33
CA GLU A 417 -13.12 51.72 27.64
C GLU A 417 -14.55 51.31 27.91
N ILE A 418 -14.84 50.00 27.92
CA ILE A 418 -16.20 49.53 28.11
C ILE A 418 -16.67 49.90 29.51
N ILE A 419 -17.76 50.65 29.58
CA ILE A 419 -18.49 50.88 30.82
C ILE A 419 -19.95 50.77 30.50
N LEU B 2 1.23 -28.12 -23.69
CA LEU B 2 0.66 -27.05 -24.49
C LEU B 2 -0.74 -26.72 -23.96
N ASN B 3 -1.18 -25.49 -24.25
CA ASN B 3 -2.33 -24.77 -23.71
C ASN B 3 -1.93 -24.16 -22.37
N GLN B 4 -0.68 -24.32 -21.95
CA GLN B 4 -0.12 -23.52 -20.87
C GLN B 4 0.23 -22.12 -21.34
N PHE B 5 0.30 -21.90 -22.69
CA PHE B 5 0.59 -20.67 -23.40
C PHE B 5 -0.69 -20.06 -23.97
N PRO B 6 -0.83 -18.74 -23.88
CA PRO B 6 -2.06 -18.10 -24.37
C PRO B 6 -2.10 -18.10 -25.89
N GLY B 7 -3.27 -18.39 -26.44
CA GLY B 7 -3.45 -18.46 -27.88
C GLY B 7 -4.24 -19.68 -28.29
N GLN B 8 -4.48 -19.77 -29.59
CA GLN B 8 -5.30 -20.83 -30.16
C GLN B 8 -4.43 -21.75 -31.02
N TYR B 9 -4.72 -23.04 -30.98
CA TYR B 9 -4.00 -24.05 -31.75
C TYR B 9 -4.91 -24.55 -32.87
N SER B 10 -4.40 -24.59 -34.10
CA SER B 10 -5.21 -24.98 -35.25
C SER B 10 -4.33 -25.22 -36.47
N ASN B 11 -4.63 -26.30 -37.20
CA ASN B 11 -3.82 -26.79 -38.31
C ASN B 11 -2.34 -26.81 -37.95
N ASN B 12 -2.05 -27.42 -36.79
CA ASN B 12 -0.69 -27.67 -36.33
C ASN B 12 0.11 -26.38 -36.08
N ILE B 13 -0.51 -25.23 -36.25
CA ILE B 13 0.13 -23.94 -36.01
C ILE B 13 -0.52 -23.29 -34.81
N PHE B 14 0.29 -22.94 -33.82
CA PHE B 14 -0.18 -22.27 -32.62
C PHE B 14 0.07 -20.78 -32.77
N CYS B 15 -0.96 -19.97 -32.53
CA CYS B 15 -0.84 -18.53 -32.63
C CYS B 15 -1.25 -17.90 -31.32
N PHE B 16 -0.44 -16.96 -30.84
CA PHE B 16 -0.73 -16.23 -29.63
C PHE B 16 -1.87 -15.26 -29.89
N PRO B 17 -2.50 -14.73 -28.85
CA PRO B 17 -3.65 -13.84 -29.06
C PRO B 17 -3.24 -12.61 -29.84
N PRO B 18 -4.05 -12.19 -30.81
CA PRO B 18 -3.74 -10.98 -31.55
C PRO B 18 -3.69 -9.77 -30.62
N ILE B 19 -2.67 -8.95 -30.80
CA ILE B 19 -2.54 -7.69 -30.09
C ILE B 19 -2.91 -6.59 -31.07
N GLU B 20 -4.03 -5.93 -30.79
CA GLU B 20 -4.60 -4.95 -31.69
C GLU B 20 -4.24 -3.54 -31.21
N SER B 21 -4.25 -2.60 -32.14
CA SER B 21 -3.86 -1.22 -31.81
C SER B 21 -4.38 -0.29 -32.89
N GLU B 22 -4.31 1.01 -32.59
CA GLU B 22 -4.66 2.04 -33.55
C GLU B 22 -3.37 2.62 -34.13
N THR B 23 -3.46 3.04 -35.39
CA THR B 23 -2.36 3.71 -36.07
C THR B 23 -2.69 5.19 -36.21
N LYS B 24 -1.71 5.95 -36.71
CA LYS B 24 -1.90 7.39 -36.90
C LYS B 24 -3.08 7.68 -37.82
N SER B 25 -3.27 6.86 -38.85
CA SER B 25 -4.40 7.05 -39.77
C SER B 25 -5.74 6.76 -39.12
N GLY B 26 -5.76 6.23 -37.91
CA GLY B 26 -7.00 5.92 -37.23
C GLY B 26 -7.57 4.57 -37.57
N LYS B 27 -6.87 3.78 -38.38
CA LYS B 27 -7.33 2.46 -38.75
C LYS B 27 -6.92 1.46 -37.68
N LYS B 28 -7.61 0.33 -37.68
CA LYS B 28 -7.32 -0.74 -36.74
C LYS B 28 -6.18 -1.61 -37.26
N ALA B 29 -5.21 -1.92 -36.39
CA ALA B 29 -4.11 -2.81 -36.70
C ALA B 29 -4.11 -4.05 -35.81
N SER B 30 -3.62 -5.17 -36.35
CA SER B 30 -3.47 -6.40 -35.59
C SER B 30 -2.10 -7.01 -35.81
N TRP B 31 -1.50 -7.53 -34.75
CA TRP B 31 -0.18 -8.14 -34.81
C TRP B 31 -0.26 -9.50 -34.13
N ILE B 32 0.20 -10.54 -34.81
CA ILE B 32 0.06 -11.90 -34.34
C ILE B 32 1.40 -12.59 -34.49
N ILE B 33 1.79 -13.36 -33.48
CA ILE B 33 2.98 -14.19 -33.53
C ILE B 33 2.55 -15.66 -33.43
N CYS B 34 3.21 -16.51 -34.22
CA CYS B 34 2.79 -17.90 -34.38
C CYS B 34 4.00 -18.82 -34.34
N VAL B 35 3.77 -20.04 -33.87
CA VAL B 35 4.81 -21.07 -33.76
C VAL B 35 4.37 -22.30 -34.51
N GLN B 36 5.29 -22.90 -35.26
CA GLN B 36 5.00 -24.12 -35.99
C GLN B 36 6.24 -25.00 -35.96
N VAL B 37 6.03 -26.30 -36.13
CA VAL B 37 7.09 -27.28 -36.07
C VAL B 37 7.17 -27.98 -37.41
N VAL B 38 8.34 -27.89 -38.05
CA VAL B 38 8.53 -28.40 -39.40
C VAL B 38 9.52 -29.56 -39.38
N GLN B 39 9.13 -30.67 -39.98
CA GLN B 39 10.02 -31.80 -40.16
C GLN B 39 9.86 -32.31 -41.57
N HIS B 40 10.98 -32.42 -42.29
CA HIS B 40 10.98 -32.90 -43.66
C HIS B 40 10.00 -32.09 -44.52
N ASN B 41 10.12 -30.76 -44.43
CA ASN B 41 9.29 -29.84 -45.22
C ASN B 41 7.80 -30.08 -44.99
N THR B 42 7.43 -30.45 -43.77
CA THR B 42 6.05 -30.71 -43.41
C THR B 42 5.78 -30.19 -42.02
N ILE B 43 4.76 -29.33 -41.89
CA ILE B 43 4.31 -28.92 -40.56
C ILE B 43 3.59 -30.10 -39.92
N ILE B 44 4.18 -30.66 -38.86
CA ILE B 44 3.61 -31.80 -38.15
C ILE B 44 2.87 -31.29 -36.92
N PRO B 45 1.88 -32.02 -36.41
CA PRO B 45 1.16 -31.53 -35.22
C PRO B 45 2.04 -31.51 -33.98
N ILE B 46 1.78 -30.51 -33.14
CA ILE B 46 2.55 -30.30 -31.91
C ILE B 46 1.99 -31.18 -30.82
N THR B 47 2.87 -31.92 -30.13
CA THR B 47 2.50 -32.87 -29.11
C THR B 47 3.13 -32.51 -27.76
N ASP B 48 2.50 -32.98 -26.68
CA ASP B 48 3.06 -32.74 -25.36
C ASP B 48 4.38 -33.47 -25.17
N GLU B 49 4.58 -34.58 -25.88
CA GLU B 49 5.81 -35.33 -25.73
C GLU B 49 7.03 -34.55 -26.22
N PHE B 51 7.78 -31.60 -25.85
CA PHE B 51 8.27 -30.68 -24.84
C PHE B 51 9.22 -31.35 -23.86
N SER B 52 9.33 -32.66 -23.90
CA SER B 52 10.28 -33.40 -23.07
C SER B 52 11.41 -34.03 -23.87
N THR B 53 11.12 -34.51 -25.08
CA THR B 53 12.11 -35.13 -25.93
C THR B 53 12.01 -34.54 -27.33
N ASP B 54 13.15 -34.22 -27.91
CA ASP B 54 13.19 -33.71 -29.26
C ASP B 54 12.77 -34.78 -30.26
N VAL B 55 12.33 -34.32 -31.44
CA VAL B 55 12.03 -35.16 -32.57
C VAL B 55 13.12 -34.95 -33.62
N LYS B 56 13.55 -36.02 -34.28
CA LYS B 56 14.71 -35.95 -35.15
C LYS B 56 14.46 -35.01 -36.32
N ASP B 57 15.37 -34.06 -36.52
CA ASP B 57 15.35 -33.12 -37.65
C ASP B 57 14.05 -32.32 -37.72
N ALA B 58 13.40 -32.14 -36.57
CA ALA B 58 12.28 -31.22 -36.47
C ALA B 58 12.82 -29.85 -36.12
N VAL B 59 12.34 -28.82 -36.82
CA VAL B 59 12.77 -27.46 -36.60
C VAL B 59 11.55 -26.61 -36.25
N ALA B 60 11.68 -25.78 -35.23
CA ALA B 60 10.62 -24.85 -34.86
C ALA B 60 10.85 -23.52 -35.56
N GLU B 61 9.78 -22.95 -36.11
CA GLU B 61 9.84 -21.69 -36.81
C GLU B 61 8.84 -20.72 -36.20
N ILE B 62 9.30 -19.52 -35.92
CA ILE B 62 8.47 -18.45 -35.37
C ILE B 62 8.36 -17.36 -36.42
N PHE B 63 7.15 -16.81 -36.56
CA PHE B 63 6.93 -15.72 -37.49
C PHE B 63 5.80 -14.85 -36.96
N THR B 64 5.80 -13.59 -37.38
CA THR B 64 4.73 -12.68 -37.04
C THR B 64 3.92 -12.34 -38.29
N LYS B 65 2.66 -12.00 -38.04
CA LYS B 65 1.74 -11.57 -39.08
C LYS B 65 1.14 -10.24 -38.67
N PHE B 66 1.08 -9.30 -39.61
CA PHE B 66 0.68 -7.93 -39.31
C PHE B 66 -0.19 -7.39 -40.43
N PHE B 67 -1.31 -6.78 -40.06
CA PHE B 67 -2.23 -6.24 -41.06
C PHE B 67 -3.11 -5.16 -40.45
N VAL B 68 -3.38 -4.12 -41.23
CA VAL B 68 -4.32 -3.06 -40.84
C VAL B 68 -5.74 -3.52 -41.13
N GLU B 69 -6.72 -2.72 -40.72
CA GLU B 69 -8.14 -3.04 -40.86
C GLU B 69 -8.53 -3.41 -42.29
N GLU B 70 -8.84 -4.69 -42.50
CA GLU B 70 -9.30 -5.20 -43.80
C GLU B 70 -8.28 -4.97 -44.90
N GLY B 71 -6.98 -5.08 -44.54
CA GLY B 71 -5.90 -4.96 -45.50
C GLY B 71 -5.13 -6.28 -45.65
N ALA B 72 -4.25 -6.28 -46.64
CA ALA B 72 -3.44 -7.46 -46.92
C ALA B 72 -2.47 -7.73 -45.77
N VAL B 73 -2.18 -9.00 -45.55
CA VAL B 73 -1.35 -9.41 -44.41
C VAL B 73 0.11 -9.30 -44.79
N ARG B 74 0.94 -8.95 -43.81
CA ARG B 74 2.38 -8.94 -43.95
C ARG B 74 3.00 -9.96 -43.01
N ILE B 75 3.93 -10.77 -43.50
CA ILE B 75 4.59 -11.77 -42.68
C ILE B 75 6.06 -11.40 -42.56
N SER B 76 6.64 -11.75 -41.42
CA SER B 76 8.05 -11.54 -41.17
C SER B 76 8.85 -12.70 -41.76
N LYS B 77 10.16 -12.61 -41.69
CA LYS B 77 10.98 -13.78 -41.99
C LYS B 77 10.88 -14.78 -40.83
N THR B 79 12.15 -17.05 -38.06
CA THR B 79 13.28 -17.31 -37.17
C THR B 79 13.27 -18.78 -36.78
N ARG B 80 14.30 -19.53 -37.16
CA ARG B 80 14.33 -20.97 -36.95
C ARG B 80 15.02 -21.29 -35.63
N VAL B 81 14.33 -22.03 -34.77
CA VAL B 81 14.90 -22.54 -33.54
C VAL B 81 15.26 -24.00 -33.77
N THR B 82 16.56 -24.30 -33.74
CA THR B 82 17.06 -25.64 -34.02
C THR B 82 17.65 -26.31 -32.78
N GLU B 83 17.51 -25.70 -31.61
CA GLU B 83 18.30 -26.13 -30.46
C GLU B 83 17.70 -25.52 -29.20
N GLY B 84 17.61 -26.32 -28.15
CA GLY B 84 17.27 -25.82 -26.85
C GLY B 84 18.43 -25.05 -26.22
N LYS B 85 18.19 -24.57 -25.01
CA LYS B 85 19.16 -23.81 -24.25
C LYS B 85 19.46 -24.53 -22.93
N ASN B 86 20.50 -24.05 -22.24
CA ASN B 86 21.03 -24.71 -21.04
C ASN B 86 21.24 -26.19 -21.31
N LEU B 87 21.92 -26.48 -22.42
CA LEU B 87 21.86 -27.80 -23.03
C LEU B 87 22.48 -28.87 -22.15
N GLY B 88 23.48 -28.52 -21.34
CA GLY B 88 24.08 -29.52 -20.47
C GLY B 88 23.40 -29.68 -19.12
N LYS B 89 22.66 -28.66 -18.66
CA LYS B 89 22.17 -28.66 -17.30
C LYS B 89 20.78 -29.29 -17.20
N LYS B 90 20.28 -29.41 -15.97
CA LYS B 90 18.90 -29.81 -15.71
C LYS B 90 17.90 -28.74 -16.11
N ASN B 91 18.38 -27.55 -16.46
CA ASN B 91 17.58 -26.47 -16.99
C ASN B 91 17.27 -26.66 -18.48
N ALA B 92 17.80 -27.72 -19.09
CA ALA B 92 17.77 -27.89 -20.53
C ALA B 92 16.35 -27.78 -21.08
N THR B 93 16.24 -27.20 -22.28
CA THR B 93 14.98 -27.10 -22.98
C THR B 93 15.02 -27.89 -24.28
N THR B 94 13.87 -28.44 -24.67
CA THR B 94 13.73 -29.00 -25.99
C THR B 94 13.59 -27.88 -27.03
N VAL B 95 13.81 -28.24 -28.29
CA VAL B 95 13.65 -27.29 -29.39
C VAL B 95 12.27 -26.66 -29.35
N VAL B 96 11.23 -27.48 -29.25
CA VAL B 96 9.86 -26.98 -29.29
C VAL B 96 9.57 -26.12 -28.07
N HIS B 97 9.95 -26.62 -26.89
CA HIS B 97 9.69 -25.85 -25.68
C HIS B 97 10.44 -24.51 -25.71
N GLN B 98 11.66 -24.50 -26.24
CA GLN B 98 12.42 -23.27 -26.30
C GLN B 98 11.82 -22.27 -27.30
N ALA B 99 11.20 -22.78 -28.36
CA ALA B 99 10.55 -21.89 -29.33
C ALA B 99 9.38 -21.16 -28.71
N PHE B 100 8.54 -21.89 -27.96
CA PHE B 100 7.40 -21.25 -27.31
C PHE B 100 7.86 -20.21 -26.31
N LYS B 101 8.98 -20.47 -25.61
CA LYS B 101 9.51 -19.46 -24.70
C LYS B 101 9.94 -18.22 -25.45
N ASP B 102 10.62 -18.38 -26.59
CA ASP B 102 11.00 -17.21 -27.37
C ASP B 102 9.78 -16.54 -27.98
N ALA B 103 8.77 -17.33 -28.36
CA ALA B 103 7.54 -16.73 -28.86
C ALA B 103 6.84 -15.92 -27.77
N LEU B 104 6.69 -16.51 -26.57
CA LEU B 104 6.06 -15.77 -25.48
C LEU B 104 6.88 -14.56 -25.07
N SER B 105 8.21 -14.64 -25.23
CA SER B 105 9.03 -13.46 -24.99
C SER B 105 8.64 -12.32 -25.92
N LYS B 106 8.77 -12.54 -27.23
CA LYS B 106 8.40 -11.48 -28.19
C LYS B 106 6.97 -11.04 -28.01
N TYR B 107 6.07 -11.96 -27.64
CA TYR B 107 4.66 -11.61 -27.47
C TYR B 107 4.48 -10.67 -26.29
N ASN B 108 5.04 -11.02 -25.13
CA ASN B 108 4.88 -10.18 -23.95
C ASN B 108 5.52 -8.81 -24.16
N ARG B 109 6.65 -8.77 -24.88
CA ARG B 109 7.33 -7.49 -25.07
C ARG B 109 6.55 -6.58 -26.02
N HIS B 110 5.96 -7.17 -27.06
CA HIS B 110 5.12 -6.39 -27.96
C HIS B 110 3.92 -5.80 -27.22
N ALA B 111 3.33 -6.59 -26.31
CA ALA B 111 2.22 -6.09 -25.51
C ALA B 111 2.66 -4.95 -24.60
N ARG B 112 3.87 -5.03 -24.05
CA ARG B 112 4.35 -4.00 -23.13
C ARG B 112 4.60 -2.69 -23.85
N GLN B 113 5.32 -2.73 -24.97
CA GLN B 113 5.64 -1.49 -25.68
C GLN B 113 4.42 -0.83 -26.28
N LYS B 114 3.30 -1.56 -26.41
CA LYS B 114 2.09 -0.95 -26.93
C LYS B 114 0.96 -1.02 -25.91
N ARG B 115 1.23 -0.58 -24.69
CA ARG B 115 0.22 -0.54 -23.62
C ARG B 115 0.56 0.53 -22.59
N ARG B 121 -1.64 1.17 -12.90
CA ARG B 121 -2.81 0.45 -12.36
C ARG B 121 -2.63 0.16 -10.86
N GLY B 122 -3.61 0.59 -10.06
CA GLY B 122 -3.51 0.56 -8.62
C GLY B 122 -4.45 -0.43 -7.96
N ILE B 124 -7.58 -1.95 -6.12
CA ILE B 124 -9.04 -1.87 -6.08
C ILE B 124 -9.51 -2.63 -4.84
N PRO B 125 -10.37 -2.06 -4.01
CA PRO B 125 -10.81 -2.75 -2.80
C PRO B 125 -11.63 -3.98 -3.15
N PRO B 126 -11.27 -5.15 -2.59
CA PRO B 126 -12.02 -6.37 -2.89
C PRO B 126 -13.51 -6.25 -2.58
N LEU B 128 -17.29 -7.23 -1.35
CA LEU B 128 -17.76 -7.69 -0.06
C LEU B 128 -19.16 -8.26 -0.17
N VAL B 129 -19.48 -9.21 0.70
CA VAL B 129 -20.72 -9.98 0.59
C VAL B 129 -21.81 -9.32 1.43
N LYS B 130 -22.95 -9.04 0.80
CA LYS B 130 -24.03 -8.38 1.50
C LYS B 130 -24.92 -9.38 2.26
N TYR B 131 -25.39 -10.42 1.59
CA TYR B 131 -26.40 -11.30 2.15
C TYR B 131 -25.80 -12.39 3.02
N PHE B 132 -26.58 -12.82 4.01
CA PHE B 132 -26.10 -13.67 5.08
C PHE B 132 -27.15 -14.74 5.34
N ASN B 133 -26.80 -15.99 5.07
CA ASN B 133 -27.71 -17.12 5.22
C ASN B 133 -29.08 -16.84 4.61
N ILE B 134 -29.10 -16.14 3.49
CA ILE B 134 -30.28 -16.04 2.65
C ILE B 134 -29.83 -15.88 1.20
N ILE B 135 -30.52 -16.56 0.29
CA ILE B 135 -30.20 -16.52 -1.13
C ILE B 135 -31.35 -15.88 -1.89
N PRO B 136 -31.18 -14.68 -2.42
CA PRO B 136 -32.29 -14.04 -3.14
C PRO B 136 -32.79 -14.88 -4.29
N LYS B 137 -34.13 -14.93 -4.43
CA LYS B 137 -34.77 -15.76 -5.45
C LYS B 137 -34.29 -15.39 -6.85
N THR B 138 -33.87 -14.14 -7.06
CA THR B 138 -33.34 -13.73 -8.35
C THR B 138 -32.07 -14.51 -8.73
N PHE B 139 -31.34 -15.06 -7.75
CA PHE B 139 -30.16 -15.85 -8.05
C PHE B 139 -30.47 -17.04 -8.95
N PHE B 140 -31.70 -17.56 -8.87
CA PHE B 140 -32.11 -18.70 -9.67
C PHE B 140 -33.10 -18.33 -10.77
N GLU B 141 -33.17 -17.05 -11.15
CA GLU B 141 -33.96 -16.63 -12.30
C GLU B 141 -33.10 -16.30 -13.50
N GLU B 142 -31.80 -16.52 -13.41
CA GLU B 142 -30.88 -16.23 -14.50
C GLU B 142 -30.85 -17.38 -15.50
N GLU B 143 -30.32 -17.09 -16.69
CA GLU B 143 -30.11 -18.13 -17.68
C GLU B 143 -29.07 -19.16 -17.23
N THR B 144 -28.20 -18.80 -16.30
CA THR B 144 -27.13 -19.67 -15.82
C THR B 144 -27.31 -19.89 -14.31
N ASP B 145 -26.97 -21.08 -13.84
CA ASP B 145 -27.11 -21.40 -12.44
C ASP B 145 -26.00 -20.70 -11.64
N PRO B 146 -26.29 -20.29 -10.41
CA PRO B 146 -25.26 -19.64 -9.58
C PRO B 146 -24.15 -20.60 -9.21
N ILE B 147 -23.03 -20.03 -8.81
CA ILE B 147 -21.83 -20.78 -8.42
C ILE B 147 -21.78 -20.84 -6.91
N VAL B 148 -21.40 -22.00 -6.38
CA VAL B 148 -21.16 -22.18 -4.96
C VAL B 148 -19.69 -22.49 -4.76
N GLN B 149 -19.08 -21.81 -3.78
CA GLN B 149 -17.67 -22.00 -3.42
C GLN B 149 -17.57 -22.20 -1.92
N ARG B 150 -16.47 -22.81 -1.48
CA ARG B 150 -16.28 -22.89 -0.06
C ARG B 150 -15.80 -21.57 0.51
N LYS B 151 -16.05 -21.40 1.79
CA LYS B 151 -15.79 -20.18 2.53
C LYS B 151 -14.64 -20.53 3.46
N ARG B 152 -13.42 -20.12 3.09
CA ARG B 152 -12.25 -20.40 3.90
C ARG B 152 -12.05 -19.29 4.92
N ASN B 153 -11.77 -19.68 6.16
CA ASN B 153 -11.57 -18.70 7.22
C ASN B 153 -10.07 -18.40 7.33
N GLY B 154 -9.61 -17.57 6.40
CA GLY B 154 -8.23 -17.13 6.39
C GLY B 154 -8.15 -15.63 6.29
N VAL B 155 -7.20 -15.15 5.50
CA VAL B 155 -6.95 -13.72 5.32
C VAL B 155 -7.08 -13.40 3.85
N ARG B 156 -7.81 -12.34 3.54
CA ARG B 156 -8.11 -12.04 2.15
C ARG B 156 -7.01 -11.21 1.51
N ALA B 157 -6.78 -11.46 0.22
CA ALA B 157 -5.67 -10.87 -0.51
C ALA B 157 -6.03 -10.79 -1.98
N VAL B 158 -5.63 -9.69 -2.62
CA VAL B 158 -5.79 -9.52 -4.05
C VAL B 158 -4.41 -9.44 -4.67
N ALA B 159 -4.21 -10.11 -5.80
CA ALA B 159 -2.95 -10.09 -6.53
C ALA B 159 -3.12 -9.33 -7.84
N CYS B 160 -2.11 -8.53 -8.18
CA CYS B 160 -2.03 -7.88 -9.47
C CYS B 160 -0.56 -7.62 -9.79
N GLN B 161 -0.30 -7.19 -11.01
CA GLN B 161 1.04 -6.89 -11.48
C GLN B 161 1.11 -5.42 -11.87
N GLN B 162 2.12 -4.72 -11.34
CA GLN B 162 2.17 -3.27 -11.39
C GLN B 162 2.54 -2.73 -12.77
N GLY B 163 2.87 -3.59 -13.73
CA GLY B 163 3.22 -3.14 -15.06
C GLY B 163 4.71 -2.90 -15.21
N ASP B 164 5.34 -2.36 -14.17
CA ASP B 164 6.79 -2.34 -14.12
C ASP B 164 7.36 -3.73 -13.91
N GLY B 165 6.53 -4.70 -13.50
CA GLY B 165 6.96 -6.06 -13.27
C GLY B 165 6.74 -6.54 -11.85
N CYS B 166 6.35 -5.66 -10.94
CA CYS B 166 6.16 -6.05 -9.54
C CYS B 166 4.82 -6.72 -9.33
N ILE B 167 4.81 -7.73 -8.46
CA ILE B 167 3.60 -8.44 -8.08
C ILE B 167 3.07 -7.81 -6.81
N LEU B 168 1.85 -7.28 -6.87
CA LEU B 168 1.23 -6.61 -5.74
C LEU B 168 0.27 -7.58 -5.06
N LEU B 169 0.50 -7.82 -3.77
CA LEU B 169 -0.40 -8.61 -2.94
C LEU B 169 -0.89 -7.68 -1.84
N TYR B 170 -2.14 -7.23 -1.93
CA TYR B 170 -2.66 -6.30 -0.94
C TYR B 170 -3.86 -6.89 -0.21
N SER B 171 -4.25 -6.19 0.86
CA SER B 171 -5.21 -6.71 1.80
C SER B 171 -6.59 -6.09 1.58
N ARG B 172 -7.55 -6.56 2.38
CA ARG B 172 -8.89 -5.99 2.36
C ARG B 172 -8.85 -4.52 2.79
N THR B 173 -7.88 -4.15 3.61
CA THR B 173 -7.66 -2.78 4.05
C THR B 173 -6.79 -1.98 3.09
N GLU B 174 -6.58 -2.49 1.87
CA GLU B 174 -5.66 -1.91 0.89
C GLU B 174 -4.28 -1.66 1.50
N LYS B 175 -3.62 -2.75 1.86
CA LYS B 175 -2.29 -2.73 2.46
C LYS B 175 -1.48 -3.89 1.91
N GLU B 176 -0.30 -3.60 1.38
CA GLU B 176 0.53 -4.63 0.77
C GLU B 176 1.08 -5.59 1.83
N PHE B 177 1.12 -6.87 1.48
CA PHE B 177 1.55 -7.92 2.40
C PHE B 177 3.06 -8.08 2.35
N LEU B 178 3.67 -8.33 3.51
CA LEU B 178 5.07 -8.68 3.60
C LEU B 178 5.23 -10.19 3.65
N GLY B 179 6.41 -10.65 3.23
CA GLY B 179 6.67 -12.09 3.21
C GLY B 179 5.90 -12.75 2.10
N LEU B 180 5.37 -13.94 2.39
CA LEU B 180 4.63 -14.73 1.39
C LEU B 180 5.45 -14.89 0.11
N ASP B 181 6.76 -15.05 0.28
CA ASP B 181 7.65 -15.13 -0.88
C ASP B 181 7.33 -16.35 -1.73
N ASN B 182 6.93 -17.46 -1.09
CA ASN B 182 6.52 -18.64 -1.84
C ASN B 182 5.38 -18.33 -2.80
N ILE B 183 4.47 -17.43 -2.41
CA ILE B 183 3.32 -17.11 -3.23
C ILE B 183 3.68 -16.07 -4.28
N LYS B 184 4.45 -15.04 -3.90
CA LYS B 184 4.84 -14.03 -4.87
C LYS B 184 5.77 -14.62 -5.94
N LYS B 185 6.61 -15.59 -5.55
CA LYS B 185 7.43 -16.28 -6.54
C LYS B 185 6.55 -16.98 -7.58
N GLU B 186 5.55 -17.74 -7.11
CA GLU B 186 4.67 -18.44 -8.04
C GLU B 186 3.81 -17.49 -8.86
N LEU B 187 3.39 -16.35 -8.28
CA LEU B 187 2.60 -15.40 -9.04
C LEU B 187 3.42 -14.74 -10.13
N LYS B 188 4.71 -14.51 -9.86
CA LYS B 188 5.58 -13.96 -10.89
C LYS B 188 5.68 -14.92 -12.07
N GLN B 189 5.83 -16.22 -11.79
CA GLN B 189 5.84 -17.21 -12.86
C GLN B 189 4.51 -17.20 -13.61
N LEU B 190 3.39 -17.24 -12.89
CA LEU B 190 2.10 -17.41 -13.54
C LEU B 190 1.74 -16.20 -14.40
N TYR B 191 2.22 -15.01 -14.04
CA TYR B 191 1.87 -13.82 -14.79
C TYR B 191 2.58 -13.71 -16.14
N LEU B 192 3.61 -14.50 -16.39
CA LEU B 192 4.21 -14.53 -17.73
C LEU B 192 3.25 -15.09 -18.77
N PHE B 193 2.39 -16.02 -18.36
CA PHE B 193 1.53 -16.75 -19.28
C PHE B 193 0.13 -16.18 -19.38
N ILE B 194 -0.24 -15.23 -18.51
CA ILE B 194 -1.59 -14.71 -18.45
C ILE B 194 -1.57 -13.22 -18.70
N ASP B 195 -2.75 -12.69 -19.05
CA ASP B 195 -2.93 -11.25 -19.22
C ASP B 195 -2.43 -10.52 -17.99
N VAL B 196 -1.50 -9.57 -18.18
CA VAL B 196 -0.88 -8.90 -17.05
C VAL B 196 -1.78 -7.87 -16.37
N ARG B 197 -2.91 -7.49 -16.97
CA ARG B 197 -3.82 -6.55 -16.34
C ARG B 197 -4.81 -7.20 -15.38
N VAL B 198 -4.83 -8.53 -15.26
CA VAL B 198 -5.88 -9.20 -14.51
C VAL B 198 -5.59 -9.09 -13.03
N TYR B 199 -6.63 -8.87 -12.24
CA TYR B 199 -6.55 -8.95 -10.79
C TYR B 199 -7.02 -10.33 -10.36
N LEU B 200 -6.22 -10.99 -9.53
CA LEU B 200 -6.58 -12.29 -8.96
C LEU B 200 -7.05 -12.08 -7.54
N ASP B 201 -8.27 -12.55 -7.26
CA ASP B 201 -8.91 -12.26 -5.98
C ASP B 201 -9.12 -13.57 -5.22
N GLY B 202 -8.54 -13.65 -4.04
CA GLY B 202 -8.56 -14.90 -3.31
C GLY B 202 -8.37 -14.78 -1.82
N GLU B 203 -7.90 -15.87 -1.22
CA GLU B 203 -7.79 -15.99 0.23
C GLU B 203 -6.47 -16.65 0.59
N LEU B 204 -5.74 -16.05 1.53
CA LEU B 204 -4.56 -16.69 2.09
C LEU B 204 -5.00 -17.62 3.20
N TYR B 205 -4.45 -18.83 3.21
CA TYR B 205 -5.06 -19.89 4.00
C TYR B 205 -4.14 -21.09 4.05
N LEU B 206 -4.28 -21.86 5.13
CA LEU B 206 -3.71 -23.20 5.21
C LEU B 206 -4.66 -24.02 6.07
N HIS B 207 -5.15 -25.13 5.55
CA HIS B 207 -6.31 -25.77 6.16
C HIS B 207 -5.96 -26.41 7.49
N ARG B 208 -6.96 -26.50 8.37
CA ARG B 208 -6.84 -27.00 9.74
C ARG B 208 -5.98 -26.09 10.60
N LYS B 209 -5.93 -24.80 10.28
CA LYS B 209 -5.16 -23.87 11.09
C LYS B 209 -6.03 -22.69 11.49
N PRO B 210 -5.96 -22.27 12.76
CA PRO B 210 -6.82 -21.18 13.23
C PRO B 210 -6.46 -19.85 12.60
N LEU B 211 -7.43 -18.93 12.60
CA LEU B 211 -7.19 -17.66 11.91
C LEU B 211 -6.14 -16.82 12.62
N GLN B 212 -6.00 -16.97 13.93
CA GLN B 212 -4.92 -16.28 14.65
C GLN B 212 -3.56 -16.65 14.07
N TRP B 213 -3.37 -17.93 13.72
CA TRP B 213 -2.11 -18.35 13.12
C TRP B 213 -1.98 -17.84 11.70
N ILE B 214 -3.05 -17.99 10.89
CA ILE B 214 -3.00 -17.57 9.50
C ILE B 214 -2.79 -16.06 9.40
N ALA B 215 -3.57 -15.29 10.18
CA ALA B 215 -3.36 -13.85 10.24
C ALA B 215 -1.98 -13.51 10.77
N GLY B 216 -1.43 -14.38 11.63
CA GLY B 216 -0.09 -14.14 12.15
C GLY B 216 0.99 -14.21 11.10
N GLN B 217 0.88 -15.18 10.18
CA GLN B 217 1.87 -15.30 9.11
C GLN B 217 1.65 -14.29 8.01
N ALA B 218 0.40 -13.92 7.75
CA ALA B 218 0.12 -12.98 6.65
C ALA B 218 0.61 -11.58 6.99
N ASN B 219 0.32 -11.11 8.21
CA ASN B 219 0.72 -9.76 8.60
C ASN B 219 2.23 -9.66 8.82
N ALA B 220 2.80 -10.62 9.54
CA ALA B 220 4.21 -10.57 9.88
C ALA B 220 5.09 -10.67 8.64
N LYS B 221 6.32 -10.16 8.78
CA LYS B 221 7.29 -10.23 7.69
C LYS B 221 8.11 -11.52 7.80
N SER B 224 6.80 -17.98 7.38
CA SER B 224 7.43 -19.30 7.31
C SER B 224 7.25 -19.95 5.94
N SER B 225 6.65 -19.20 5.01
CA SER B 225 6.40 -19.67 3.65
C SER B 225 5.58 -20.96 3.64
N GLU B 226 4.53 -21.01 4.47
CA GLU B 226 3.69 -22.19 4.56
C GLU B 226 2.24 -21.95 4.18
N LEU B 227 1.84 -20.72 3.89
CA LEU B 227 0.46 -20.44 3.53
C LEU B 227 0.24 -20.64 2.03
N HIS B 228 -1.01 -20.92 1.67
CA HIS B 228 -1.42 -21.06 0.29
C HIS B 228 -2.32 -19.89 -0.08
N PHE B 229 -2.54 -19.73 -1.39
CA PHE B 229 -3.37 -18.67 -1.94
C PHE B 229 -4.45 -19.32 -2.79
N TYR B 230 -5.71 -19.21 -2.36
CA TYR B 230 -6.83 -19.84 -3.04
C TYR B 230 -7.61 -18.77 -3.79
N VAL B 231 -7.53 -18.78 -5.11
CA VAL B 231 -8.15 -17.75 -5.93
C VAL B 231 -9.58 -18.17 -6.27
N PHE B 232 -10.54 -17.31 -5.94
CA PHE B 232 -11.94 -17.61 -6.24
C PHE B 232 -12.58 -16.60 -7.18
N ASP B 233 -11.82 -15.65 -7.71
CA ASP B 233 -12.39 -14.67 -8.63
C ASP B 233 -11.25 -13.91 -9.30
N CYS B 234 -11.60 -13.24 -10.41
CA CYS B 234 -10.68 -12.35 -11.10
C CYS B 234 -11.50 -11.25 -11.73
N PHE B 235 -10.83 -10.14 -12.05
CA PHE B 235 -11.49 -9.03 -12.72
C PHE B 235 -10.45 -8.16 -13.43
N TRP B 236 -10.95 -7.31 -14.32
CA TRP B 236 -10.17 -6.30 -15.02
C TRP B 236 -10.71 -4.92 -14.65
N SER B 237 -9.81 -3.98 -14.41
CA SER B 237 -10.21 -2.63 -14.00
C SER B 237 -11.11 -1.97 -15.03
N ASP B 238 -10.87 -2.25 -16.31
CA ASP B 238 -11.63 -1.64 -17.39
C ASP B 238 -12.91 -2.38 -17.72
N GLN B 239 -13.18 -3.53 -17.09
CA GLN B 239 -14.39 -4.30 -17.37
C GLN B 239 -14.94 -4.88 -16.06
N LEU B 240 -15.27 -3.98 -15.13
CA LEU B 240 -15.85 -4.39 -13.87
C LEU B 240 -17.30 -4.82 -14.00
N GLN B 241 -17.94 -4.60 -15.14
CA GLN B 241 -19.30 -5.05 -15.35
C GLN B 241 -19.36 -6.49 -15.85
N PRO B 243 -19.82 -10.25 -16.24
CA PRO B 243 -20.65 -11.10 -15.39
C PRO B 243 -19.81 -12.14 -14.66
N SER B 244 -20.30 -12.53 -13.47
CA SER B 244 -19.56 -13.46 -12.63
C SER B 244 -19.23 -14.74 -13.39
N ASN B 245 -20.21 -15.25 -14.15
CA ASN B 245 -20.00 -16.48 -14.90
C ASN B 245 -18.80 -16.33 -15.84
N LYS B 246 -18.81 -15.29 -16.69
CA LYS B 246 -17.71 -15.10 -17.64
C LYS B 246 -16.39 -14.88 -16.92
N ARG B 247 -16.41 -14.21 -15.77
CA ARG B 247 -15.15 -14.04 -15.04
C ARG B 247 -14.62 -15.38 -14.55
N GLN B 248 -15.51 -16.33 -14.26
CA GLN B 248 -15.02 -17.61 -13.75
C GLN B 248 -14.55 -18.52 -14.88
N GLN B 249 -15.03 -18.34 -16.12
CA GLN B 249 -14.46 -19.09 -17.23
C GLN B 249 -13.06 -18.60 -17.54
N LEU B 250 -12.89 -17.28 -17.62
CA LEU B 250 -11.56 -16.70 -17.79
C LEU B 250 -10.62 -17.17 -16.68
N LEU B 251 -11.07 -17.13 -15.42
CA LEU B 251 -10.22 -17.56 -14.33
C LEU B 251 -9.82 -19.02 -14.50
N THR B 252 -10.73 -19.84 -15.02
CA THR B 252 -10.40 -21.24 -15.20
C THR B 252 -9.43 -21.43 -16.37
N ASN B 253 -9.53 -20.61 -17.41
CA ASN B 253 -8.53 -20.68 -18.47
C ASN B 253 -7.16 -20.27 -17.96
N ILE B 254 -7.10 -19.35 -17.00
CA ILE B 254 -5.82 -18.94 -16.42
C ILE B 254 -5.16 -20.12 -15.71
N PHE B 255 -5.94 -20.89 -14.96
CA PHE B 255 -5.38 -21.99 -14.19
C PHE B 255 -5.21 -23.26 -14.98
N LYS B 256 -5.86 -23.37 -16.15
CA LYS B 256 -5.59 -24.51 -17.03
C LYS B 256 -4.13 -24.49 -17.46
N GLN B 257 -3.61 -23.29 -17.73
CA GLN B 257 -2.22 -23.08 -18.12
C GLN B 257 -1.23 -23.73 -17.17
N LYS B 258 -1.17 -23.27 -15.92
CA LYS B 258 -0.21 -23.79 -14.96
C LYS B 258 -0.91 -24.66 -13.92
N GLU B 259 -0.59 -25.95 -13.92
CA GLU B 259 -1.01 -26.85 -12.86
C GLU B 259 0.15 -27.32 -12.00
N ASP B 260 1.37 -26.87 -12.31
CA ASP B 260 2.56 -27.20 -11.51
C ASP B 260 2.68 -26.35 -10.25
N LEU B 261 1.86 -25.31 -10.10
CA LEU B 261 1.97 -24.44 -8.94
C LEU B 261 1.70 -25.21 -7.65
N THR B 262 2.45 -24.87 -6.61
CA THR B 262 2.35 -25.57 -5.33
C THR B 262 1.59 -24.78 -4.28
N PHE B 263 1.64 -23.46 -4.34
CA PHE B 263 1.06 -22.61 -3.30
C PHE B 263 -0.15 -21.83 -3.78
N ILE B 264 -0.53 -21.95 -5.04
CA ILE B 264 -1.63 -21.17 -5.63
C ILE B 264 -2.63 -22.14 -6.23
N HIS B 265 -3.91 -21.92 -5.96
CA HIS B 265 -4.93 -22.88 -6.36
C HIS B 265 -6.21 -22.14 -6.70
N GLN B 266 -6.87 -22.55 -7.79
CA GLN B 266 -8.23 -22.10 -8.04
C GLN B 266 -9.20 -22.79 -7.09
N VAL B 267 -10.24 -22.07 -6.71
CA VAL B 267 -11.25 -22.57 -5.80
C VAL B 267 -12.29 -23.34 -6.61
N GLU B 268 -12.62 -24.56 -6.17
CA GLU B 268 -13.60 -25.39 -6.87
C GLU B 268 -14.95 -24.68 -6.96
N ASN B 269 -15.55 -24.70 -8.15
CA ASN B 269 -16.85 -24.09 -8.41
C ASN B 269 -17.94 -25.15 -8.53
N PHE B 270 -19.08 -24.92 -7.88
CA PHE B 270 -20.18 -25.86 -7.89
C PHE B 270 -21.45 -25.19 -8.44
N SER B 271 -22.15 -25.88 -9.32
CA SER B 271 -23.43 -25.41 -9.82
C SER B 271 -24.56 -25.96 -8.97
N VAL B 272 -25.50 -25.08 -8.62
CA VAL B 272 -26.73 -25.49 -7.93
C VAL B 272 -27.92 -24.86 -8.64
N LYS B 273 -29.06 -25.53 -8.56
CA LYS B 273 -30.29 -25.08 -9.19
C LYS B 273 -31.34 -24.60 -8.20
N ASN B 274 -31.08 -24.74 -6.90
CA ASN B 274 -32.06 -24.35 -5.91
C ASN B 274 -31.37 -24.18 -4.57
N VAL B 275 -32.14 -23.69 -3.59
CA VAL B 275 -31.58 -23.40 -2.28
C VAL B 275 -31.17 -24.69 -1.57
N ASP B 276 -31.93 -25.76 -1.78
CA ASP B 276 -31.61 -26.99 -1.06
C ASP B 276 -30.26 -27.53 -1.50
N GLU B 277 -29.99 -27.55 -2.81
CA GLU B 277 -28.66 -27.93 -3.28
C GLU B 277 -27.57 -27.08 -2.64
N ALA B 278 -27.82 -25.79 -2.46
CA ALA B 278 -26.81 -24.92 -1.87
C ALA B 278 -26.62 -25.24 -0.39
N LEU B 279 -27.69 -25.54 0.33
CA LEU B 279 -27.54 -25.77 1.75
C LEU B 279 -26.89 -27.12 2.04
N ARG B 280 -27.04 -28.08 1.11
CA ARG B 280 -26.32 -29.34 1.28
C ARG B 280 -24.81 -29.14 1.08
N LEU B 281 -24.41 -28.31 0.11
CA LEU B 281 -22.98 -28.06 -0.03
C LEU B 281 -22.42 -27.33 1.18
N LYS B 282 -23.20 -26.41 1.76
CA LYS B 282 -22.75 -25.71 2.95
C LYS B 282 -22.56 -26.68 4.10
N ALA B 283 -23.53 -27.57 4.30
CA ALA B 283 -23.36 -28.65 5.25
C ALA B 283 -22.07 -29.41 5.00
N GLN B 284 -21.84 -29.79 3.73
CA GLN B 284 -20.68 -30.62 3.41
C GLN B 284 -19.38 -29.90 3.74
N PHE B 285 -19.29 -28.60 3.45
CA PHE B 285 -18.04 -27.91 3.71
C PHE B 285 -17.77 -27.74 5.20
N ILE B 286 -18.82 -27.58 6.00
CA ILE B 286 -18.62 -27.49 7.44
C ILE B 286 -18.01 -28.79 7.97
N LYS B 287 -18.46 -29.93 7.45
CA LYS B 287 -17.89 -31.20 7.89
C LYS B 287 -16.51 -31.45 7.32
N GLU B 288 -16.14 -30.80 6.22
CA GLU B 288 -14.73 -30.86 5.84
C GLU B 288 -13.91 -29.81 6.57
N GLY B 289 -14.51 -29.05 7.49
CA GLY B 289 -13.77 -28.13 8.32
C GLY B 289 -13.72 -26.69 7.84
N TYR B 290 -14.48 -26.33 6.81
CA TYR B 290 -14.49 -24.97 6.34
C TYR B 290 -15.56 -24.15 7.07
N GLU B 291 -15.53 -22.85 6.84
CA GLU B 291 -16.38 -21.93 7.59
C GLU B 291 -17.79 -21.86 7.00
N GLY B 292 -17.95 -22.20 5.73
CA GLY B 292 -19.27 -22.24 5.12
C GLY B 292 -19.21 -22.20 3.61
N ALA B 293 -20.18 -21.55 2.98
CA ALA B 293 -20.27 -21.51 1.53
C ALA B 293 -20.38 -20.07 1.05
N ILE B 294 -20.01 -19.86 -0.21
CA ILE B 294 -20.21 -18.58 -0.89
C ILE B 294 -21.09 -18.85 -2.12
N VAL B 295 -22.10 -18.02 -2.31
CA VAL B 295 -22.98 -18.14 -3.47
C VAL B 295 -22.84 -16.88 -4.31
N ARG B 296 -22.62 -17.05 -5.62
CA ARG B 296 -22.43 -15.93 -6.53
C ARG B 296 -23.49 -15.98 -7.62
N ASN B 297 -24.23 -14.87 -7.77
CA ASN B 297 -25.15 -14.73 -8.89
C ASN B 297 -24.36 -14.82 -10.19
N ALA B 298 -24.92 -15.51 -11.18
CA ALA B 298 -24.17 -15.80 -12.39
C ALA B 298 -23.88 -14.55 -13.19
N ASN B 299 -24.74 -13.53 -13.11
CA ASN B 299 -24.57 -12.31 -13.88
C ASN B 299 -24.11 -11.14 -13.04
N GLY B 300 -23.56 -11.40 -11.87
CA GLY B 300 -23.06 -10.34 -11.01
C GLY B 300 -21.81 -9.69 -11.55
N PRO B 301 -21.80 -8.34 -11.57
CA PRO B 301 -20.56 -7.61 -11.91
C PRO B 301 -19.58 -7.66 -10.74
N TYR B 302 -18.41 -7.04 -10.87
CA TYR B 302 -17.48 -6.94 -9.75
C TYR B 302 -17.66 -5.58 -9.11
N GLU B 303 -18.29 -5.55 -7.93
CA GLU B 303 -18.61 -4.34 -7.20
C GLU B 303 -17.57 -4.12 -6.10
N PRO B 304 -16.55 -3.31 -6.31
CA PRO B 304 -15.52 -3.13 -5.27
C PRO B 304 -16.08 -2.44 -4.04
N GLY B 305 -15.54 -2.85 -2.92
CA GLY B 305 -15.94 -2.40 -1.62
C GLY B 305 -15.45 -1.05 -1.20
N TYR B 306 -15.67 -0.06 -2.03
CA TYR B 306 -15.30 1.30 -1.73
C TYR B 306 -16.20 1.71 -0.60
N ASN B 307 -15.65 2.32 0.43
CA ASN B 307 -16.43 2.74 1.58
C ASN B 307 -17.30 1.63 2.15
N ASN B 308 -16.71 0.47 2.35
CA ASN B 308 -17.38 -0.71 2.86
C ASN B 308 -18.72 -1.02 2.22
N TYR B 309 -18.75 -1.03 0.90
CA TYR B 309 -19.95 -1.35 0.20
C TYR B 309 -20.01 -2.84 -0.04
N HIS B 310 -21.16 -3.43 0.23
CA HIS B 310 -21.40 -4.85 0.07
C HIS B 310 -22.25 -5.09 -1.17
N SER B 311 -21.92 -6.13 -1.91
CA SER B 311 -22.65 -6.45 -3.13
C SER B 311 -23.81 -7.38 -2.83
N ALA B 312 -24.96 -7.09 -3.42
CA ALA B 312 -26.13 -7.93 -3.28
C ALA B 312 -26.15 -9.08 -4.25
N HIS B 313 -25.03 -9.41 -4.87
CA HIS B 313 -24.96 -10.55 -5.78
C HIS B 313 -24.02 -11.62 -5.27
N LEU B 314 -23.69 -11.58 -3.98
CA LEU B 314 -23.09 -12.68 -3.26
C LEU B 314 -23.83 -12.91 -1.96
N ALA B 315 -23.80 -14.15 -1.48
CA ALA B 315 -24.37 -14.50 -0.21
C ALA B 315 -23.43 -15.45 0.51
N LYS B 316 -23.19 -15.21 1.79
CA LYS B 316 -22.44 -16.16 2.61
C LYS B 316 -23.40 -17.07 3.34
N LEU B 317 -23.04 -18.34 3.43
CA LEU B 317 -23.81 -19.33 4.18
C LEU B 317 -22.90 -19.84 5.30
N LYS B 318 -23.07 -19.30 6.50
CA LYS B 318 -22.26 -19.63 7.66
C LYS B 318 -23.13 -20.02 8.84
N PRO B 319 -22.55 -20.66 9.85
CA PRO B 319 -23.25 -20.80 11.13
C PRO B 319 -23.25 -19.48 11.89
N LEU B 320 -24.27 -19.34 12.76
CA LEU B 320 -24.47 -18.10 13.50
C LEU B 320 -23.58 -18.06 14.73
N LEU B 321 -23.33 -16.84 15.20
CA LEU B 321 -22.54 -16.67 16.41
C LEU B 321 -23.42 -16.78 17.66
N ASP B 322 -22.75 -16.93 18.80
CA ASP B 322 -23.39 -17.13 20.08
C ASP B 322 -23.03 -15.98 21.01
N ALA B 323 -23.99 -15.58 21.84
CA ALA B 323 -23.81 -14.51 22.81
C ALA B 323 -25.00 -14.54 23.76
N GLU B 324 -24.90 -13.77 24.84
CA GLU B 324 -25.95 -13.64 25.83
C GLU B 324 -26.28 -12.17 26.03
N PHE B 325 -27.57 -11.86 26.13
CA PHE B 325 -28.03 -10.49 26.31
C PHE B 325 -29.13 -10.48 27.37
N ILE B 326 -29.42 -9.29 27.88
CA ILE B 326 -30.41 -9.11 28.94
C ILE B 326 -31.73 -8.71 28.29
N LEU B 327 -32.78 -9.48 28.55
CA LEU B 327 -34.10 -9.19 28.05
C LEU B 327 -34.67 -7.96 28.77
N VAL B 328 -35.06 -6.95 28.01
CA VAL B 328 -35.47 -5.68 28.59
C VAL B 328 -36.90 -5.28 28.23
N ASP B 329 -37.51 -5.87 27.22
CA ASP B 329 -38.87 -5.52 26.82
C ASP B 329 -39.33 -6.52 25.76
N TYR B 330 -40.58 -6.39 25.34
CA TYR B 330 -41.12 -7.19 24.26
C TYR B 330 -42.06 -6.33 23.41
N THR B 331 -42.33 -6.80 22.21
CA THR B 331 -43.17 -6.09 21.26
C THR B 331 -43.74 -7.09 20.26
N GLN B 332 -44.22 -6.59 19.13
CA GLN B 332 -44.78 -7.43 18.07
C GLN B 332 -44.20 -7.01 16.72
N GLY B 333 -44.27 -7.95 15.77
CA GLY B 333 -43.83 -7.65 14.43
C GLY B 333 -44.78 -6.72 13.71
N LYS B 334 -44.26 -6.04 12.70
CA LYS B 334 -45.01 -5.04 11.97
C LYS B 334 -45.51 -5.52 10.62
N LYS B 335 -44.72 -6.31 9.89
CA LYS B 335 -44.96 -6.60 8.49
C LYS B 335 -45.62 -7.97 8.32
N GLY B 336 -46.91 -7.96 7.96
CA GLY B 336 -47.56 -9.14 7.45
C GLY B 336 -47.78 -10.28 8.42
N LYS B 337 -47.15 -11.43 8.14
CA LYS B 337 -47.28 -12.58 9.03
C LYS B 337 -46.67 -12.31 10.39
N ASP B 338 -45.63 -11.48 10.45
CA ASP B 338 -45.05 -11.12 11.74
C ASP B 338 -45.92 -10.15 12.52
N LEU B 339 -46.88 -9.51 11.87
CA LEU B 339 -47.79 -8.63 12.60
C LEU B 339 -48.54 -9.42 13.65
N GLY B 340 -48.56 -8.90 14.87
CA GLY B 340 -49.20 -9.57 15.98
C GLY B 340 -48.41 -10.70 16.59
N ALA B 341 -47.22 -10.99 16.07
CA ALA B 341 -46.37 -12.06 16.58
C ALA B 341 -45.31 -11.46 17.50
N ILE B 342 -45.18 -12.03 18.70
CA ILE B 342 -44.36 -11.42 19.73
C ILE B 342 -42.89 -11.47 19.34
N LEU B 343 -42.16 -10.42 19.70
CA LEU B 343 -40.71 -10.34 19.54
C LEU B 343 -40.10 -9.88 20.86
N TRP B 344 -38.89 -10.35 21.16
CA TRP B 344 -38.23 -9.88 22.36
C TRP B 344 -37.32 -8.72 22.05
N VAL B 345 -37.00 -7.94 23.09
CA VAL B 345 -36.15 -6.77 22.99
C VAL B 345 -35.03 -6.98 24.01
N CYS B 346 -33.88 -7.46 23.55
CA CYS B 346 -32.71 -7.49 24.40
C CYS B 346 -32.00 -6.13 24.36
N GLU B 347 -30.90 -6.02 25.09
CA GLU B 347 -30.18 -4.75 25.15
C GLU B 347 -28.68 -5.04 25.23
N LEU B 348 -27.91 -4.29 24.44
CA LEU B 348 -26.46 -4.35 24.48
C LEU B 348 -25.96 -3.57 25.69
N PRO B 349 -24.74 -3.87 26.17
CA PRO B 349 -24.20 -3.14 27.33
C PRO B 349 -24.26 -1.62 27.20
N ASN B 350 -24.26 -1.09 25.97
CA ASN B 350 -24.40 0.34 25.74
C ASN B 350 -25.84 0.84 25.90
N LYS B 351 -26.72 0.05 26.52
CA LYS B 351 -28.13 0.38 26.71
C LYS B 351 -28.86 0.47 25.37
N LYS B 352 -28.15 0.19 24.27
CA LYS B 352 -28.77 0.11 22.96
C LYS B 352 -29.48 -1.22 22.82
N ARG B 353 -30.64 -1.19 22.18
CA ARG B 353 -31.56 -2.32 22.20
C ARG B 353 -31.87 -2.79 20.79
N PHE B 354 -32.35 -4.04 20.70
CA PHE B 354 -32.55 -4.69 19.40
C PHE B 354 -33.60 -5.78 19.55
N VAL B 355 -34.20 -6.14 18.43
CA VAL B 355 -35.25 -7.15 18.39
C VAL B 355 -34.63 -8.53 18.24
N VAL B 356 -35.13 -9.49 19.02
CA VAL B 356 -34.75 -10.89 18.92
C VAL B 356 -36.01 -11.70 18.66
N THR B 357 -35.92 -12.65 17.72
CA THR B 357 -37.08 -13.42 17.30
C THR B 357 -37.14 -14.74 18.02
N PRO B 358 -38.27 -15.09 18.64
CA PRO B 358 -38.41 -16.44 19.21
C PRO B 358 -38.28 -17.49 18.12
N LYS B 359 -37.35 -18.43 18.34
CA LYS B 359 -37.02 -19.41 17.31
C LYS B 359 -37.91 -20.66 17.37
N HIS B 360 -38.24 -21.13 18.57
CA HIS B 360 -38.87 -22.44 18.72
C HIS B 360 -40.38 -22.35 18.94
N LEU B 361 -41.00 -21.20 18.67
CA LEU B 361 -42.45 -21.06 18.85
C LEU B 361 -43.15 -20.92 17.51
N THR B 362 -44.27 -21.62 17.37
CA THR B 362 -45.10 -21.49 16.18
C THR B 362 -45.75 -20.10 16.17
N TYR B 363 -46.31 -19.75 15.01
CA TYR B 363 -46.94 -18.43 14.90
C TYR B 363 -48.19 -18.34 15.76
N ALA B 364 -48.92 -19.44 15.94
CA ALA B 364 -50.03 -19.43 16.88
C ALA B 364 -49.56 -19.04 18.27
N ASP B 365 -48.42 -19.57 18.70
CA ASP B 365 -47.88 -19.22 20.01
C ASP B 365 -47.52 -17.74 20.08
N ARG B 366 -46.81 -17.24 19.06
CA ARG B 366 -46.38 -15.85 19.06
C ARG B 366 -47.58 -14.90 19.10
N TYR B 367 -48.67 -15.26 18.43
CA TYR B 367 -49.89 -14.48 18.52
C TYR B 367 -50.48 -14.56 19.92
N ALA B 368 -50.64 -15.78 20.43
CA ALA B 368 -51.23 -15.98 21.75
C ALA B 368 -50.38 -15.32 22.83
N LEU B 369 -49.06 -15.49 22.77
CA LEU B 369 -48.19 -14.94 23.80
C LEU B 369 -48.30 -13.42 23.85
N PHE B 370 -48.27 -12.76 22.67
CA PHE B 370 -48.37 -11.31 22.67
C PHE B 370 -49.74 -10.84 23.13
N GLN B 371 -50.77 -11.66 22.97
CA GLN B 371 -52.10 -11.28 23.44
C GLN B 371 -52.19 -11.38 24.96
N LYS B 372 -51.69 -12.48 25.52
CA LYS B 372 -51.89 -12.79 26.94
C LYS B 372 -50.86 -12.14 27.87
N LEU B 373 -49.70 -11.76 27.36
CA LEU B 373 -48.69 -11.12 28.21
C LEU B 373 -49.13 -9.72 28.63
N THR B 374 -48.71 -9.32 29.83
CA THR B 374 -48.94 -7.98 30.32
C THR B 374 -47.61 -7.37 30.71
N PRO B 375 -47.49 -6.04 30.65
CA PRO B 375 -46.32 -5.39 31.25
C PRO B 375 -46.00 -5.91 32.64
N ALA B 376 -47.04 -6.16 33.45
CA ALA B 376 -46.84 -6.65 34.81
C ALA B 376 -46.15 -8.02 34.82
N LEU B 377 -46.77 -9.03 34.20
CA LEU B 377 -46.23 -10.39 34.30
C LEU B 377 -44.87 -10.53 33.63
N PHE B 378 -44.52 -9.64 32.71
CA PHE B 378 -43.20 -9.68 32.09
C PHE B 378 -42.16 -9.02 32.99
N LYS B 379 -42.58 -8.00 33.75
CA LYS B 379 -41.65 -7.40 34.70
C LYS B 379 -41.26 -8.38 35.79
N LYS B 380 -42.17 -9.29 36.16
CA LYS B 380 -41.93 -10.19 37.28
C LYS B 380 -41.28 -11.50 36.88
N HIS B 381 -41.33 -11.89 35.60
CA HIS B 381 -40.83 -13.19 35.20
C HIS B 381 -39.84 -13.17 34.05
N LEU B 382 -39.70 -12.07 33.33
CA LEU B 382 -38.86 -12.10 32.13
C LEU B 382 -37.84 -10.98 32.14
N TYR B 383 -38.16 -9.87 32.79
CA TYR B 383 -37.27 -8.73 32.74
C TYR B 383 -35.94 -9.05 33.42
N GLY B 384 -34.85 -8.62 32.79
CA GLY B 384 -33.53 -8.82 33.33
C GLY B 384 -32.96 -10.22 33.20
N LYS B 385 -33.73 -11.18 32.68
CA LYS B 385 -33.19 -12.52 32.50
C LYS B 385 -32.15 -12.53 31.38
N GLU B 386 -31.28 -13.53 31.43
CA GLU B 386 -30.24 -13.68 30.42
C GLU B 386 -30.75 -14.58 29.31
N LEU B 387 -30.49 -14.16 28.07
CA LEU B 387 -31.06 -14.81 26.90
C LEU B 387 -29.97 -15.03 25.87
N THR B 388 -29.75 -16.30 25.49
CA THR B 388 -28.73 -16.61 24.50
C THR B 388 -29.30 -16.40 23.10
N VAL B 389 -28.56 -15.70 22.25
CA VAL B 389 -29.08 -15.17 21.00
C VAL B 389 -28.15 -15.57 19.86
N GLU B 390 -28.61 -16.47 19.00
CA GLU B 390 -27.93 -16.71 17.73
C GLU B 390 -28.10 -15.51 16.80
N TYR B 391 -26.99 -14.97 16.31
CA TYR B 391 -27.03 -13.81 15.44
C TYR B 391 -26.01 -13.98 14.32
N ALA B 392 -26.17 -13.17 13.27
CA ALA B 392 -25.31 -13.26 12.09
C ALA B 392 -24.09 -12.35 12.24
N GLU B 393 -24.32 -11.04 12.22
CA GLU B 393 -23.24 -10.06 12.33
C GLU B 393 -23.70 -8.94 13.26
N LEU B 394 -22.83 -7.95 13.44
CA LEU B 394 -23.14 -6.76 14.23
C LEU B 394 -23.09 -5.54 13.31
N SER B 395 -24.21 -4.85 13.20
CA SER B 395 -24.29 -3.71 12.29
C SER B 395 -23.33 -2.61 12.73
N PRO B 396 -22.35 -2.22 11.89
CA PRO B 396 -21.37 -1.19 12.26
C PRO B 396 -21.85 0.22 11.94
N THR B 398 -23.41 0.82 14.74
CA THR B 398 -24.61 0.52 15.52
C THR B 398 -24.34 -0.61 16.53
N GLY B 399 -23.51 -1.58 16.13
CA GLY B 399 -23.21 -2.71 17.00
C GLY B 399 -24.35 -3.67 17.23
N ILE B 400 -25.49 -3.45 16.60
CA ILE B 400 -26.68 -4.26 16.87
C ILE B 400 -26.53 -5.62 16.21
N PRO B 401 -26.87 -6.72 16.90
CA PRO B 401 -26.83 -8.03 16.25
C PRO B 401 -27.93 -8.12 15.20
N LEU B 402 -27.58 -8.69 14.05
CA LEU B 402 -28.48 -8.80 12.92
C LEU B 402 -28.98 -10.23 12.79
N GLN B 403 -30.21 -10.38 12.30
CA GLN B 403 -30.88 -11.66 12.20
C GLN B 403 -30.80 -12.44 13.53
N ALA B 404 -31.16 -11.75 14.62
CA ALA B 404 -31.03 -12.31 15.95
C ALA B 404 -32.24 -13.19 16.29
N ARG B 405 -31.97 -14.38 16.82
CA ARG B 405 -33.01 -15.32 17.22
C ARG B 405 -32.67 -15.87 18.60
N ALA B 406 -33.70 -16.11 19.39
CA ALA B 406 -33.53 -16.55 20.77
C ALA B 406 -33.49 -18.07 20.80
N VAL B 407 -32.35 -18.62 21.22
CA VAL B 407 -32.27 -20.06 21.44
C VAL B 407 -32.99 -20.45 22.72
N GLY B 408 -32.74 -19.73 23.82
CA GLY B 408 -33.37 -20.02 25.09
C GLY B 408 -32.68 -19.23 26.19
N PHE B 409 -33.24 -19.37 27.39
CA PHE B 409 -32.66 -18.72 28.56
C PHE B 409 -31.66 -19.65 29.25
N ARG B 410 -30.89 -19.08 30.16
CA ARG B 410 -30.05 -19.88 31.05
C ARG B 410 -30.95 -20.69 31.96
N GLU B 411 -31.58 -20.05 32.93
CA GLU B 411 -32.59 -20.71 33.75
C GLU B 411 -33.81 -21.01 32.89
N PRO B 412 -34.15 -22.28 32.68
CA PRO B 412 -35.17 -22.61 31.67
C PRO B 412 -36.56 -22.25 32.14
N ILE B 413 -37.28 -21.52 31.28
CA ILE B 413 -38.68 -21.20 31.52
C ILE B 413 -39.48 -21.60 30.30
N ASN B 414 -40.77 -21.84 30.51
CA ASN B 414 -41.70 -22.00 29.41
C ASN B 414 -42.58 -20.75 29.39
N VAL B 415 -42.41 -19.92 28.36
CA VAL B 415 -43.13 -18.65 28.30
C VAL B 415 -44.61 -18.85 28.02
N LEU B 416 -44.99 -20.01 27.46
CA LEU B 416 -46.39 -20.28 27.18
C LEU B 416 -47.21 -20.43 28.46
N GLU B 417 -46.58 -20.77 29.58
CA GLU B 417 -47.29 -21.07 30.81
C GLU B 417 -47.24 -19.95 31.84
N ILE B 418 -46.64 -18.80 31.48
CA ILE B 418 -46.46 -17.71 32.42
C ILE B 418 -47.80 -17.16 32.86
N ILE B 419 -48.04 -17.15 34.18
CA ILE B 419 -49.15 -16.41 34.78
C ILE B 419 -48.64 -15.80 36.08
#